data_4M1Z
#
_entry.id   4M1Z
#
_cell.length_a   83.311
_cell.length_b   83.611
_cell.length_c   98.249
_cell.angle_alpha   90.00
_cell.angle_beta   90.00
_cell.angle_gamma   90.00
#
_symmetry.space_group_name_H-M   'P 21 21 21'
#
loop_
_entity.id
_entity.type
_entity.pdbx_description
1 polymer 'Membrane-anchored mycosin mycp1'
2 polymer 'Membrane-anchored mycosin mycp1'
3 water water
#
loop_
_entity_poly.entity_id
_entity_poly.type
_entity_poly.pdbx_seq_one_letter_code
_entity_poly.pdbx_strand_id
1 'polypeptide(L)'
;MGHHHHHHGSHMADRPWANDYLRIQEAQKFATGAGVTVAVIDTGVNGSPRVPAEPGGDFVDAAGNGMSDCDAHGTMTAAI
IGGRPSPTDGFVGMAPDVRLLSLRQTSVAFQPKGARQDPNDPNTTQTAGSIRSLARSVVHAANLGAQVINISEAACYKVT
RRIDETSLGAAINYAVNVKGAVIVVAAGNTGQDCSQNPPPDPSVPSDPRGWREVQTIVSPAWYDPLVLTVGSIGQNGQPS
NFSMSGPWVGAAAPGENLTSLGYDGQPVNATPGEDGPVPLNGTSFSAAYVSGLAALVKQRFPDLTPAQIINRITATARHP
GGGVDNYVGAGVIDPVAALTWEIPDGPEKAPFRVKEVPPPVYIPPPDRGPIT
;
A,B
2 'polypeptide(L)' RVKEVPPPVYIPPPDRGPIT C,D
#
# COMPACT_ATOMS: atom_id res chain seq x y z
N ASP A 14 -5.91 37.85 -20.86
CA ASP A 14 -6.12 37.34 -19.47
C ASP A 14 -5.99 35.80 -19.37
N ARG A 15 -6.17 35.25 -18.17
CA ARG A 15 -5.64 33.94 -17.83
C ARG A 15 -6.49 32.78 -18.33
N PRO A 16 -5.84 31.70 -18.84
CA PRO A 16 -6.45 30.38 -18.98
C PRO A 16 -6.95 29.86 -17.62
N TRP A 17 -8.09 29.19 -17.60
CA TRP A 17 -8.68 28.83 -16.31
C TRP A 17 -7.74 28.03 -15.42
N ALA A 18 -6.89 27.19 -16.02
CA ALA A 18 -5.90 26.39 -15.27
C ALA A 18 -4.88 27.29 -14.56
N ASN A 19 -4.47 28.37 -15.23
CA ASN A 19 -3.48 29.26 -14.65
C ASN A 19 -3.99 29.90 -13.36
N ASP A 20 -5.28 30.23 -13.35
CA ASP A 20 -5.92 30.83 -12.20
C ASP A 20 -6.22 29.81 -11.16
N TYR A 21 -6.76 28.68 -11.60
CA TYR A 21 -7.06 27.59 -10.71
C TYR A 21 -5.80 27.11 -9.95
N LEU A 22 -4.67 27.01 -10.64
CA LEU A 22 -3.47 26.48 -9.99
C LEU A 22 -2.63 27.59 -9.34
N ARG A 23 -3.11 28.84 -9.42
CA ARG A 23 -2.41 30.01 -8.83
C ARG A 23 -0.96 30.07 -9.32
N ILE A 24 -0.83 29.95 -10.63
CA ILE A 24 0.46 29.87 -11.28
C ILE A 24 1.30 31.13 -11.07
N GLN A 25 0.67 32.31 -11.19
CA GLN A 25 1.37 33.57 -10.97
C GLN A 25 1.90 33.65 -9.52
N GLU A 26 1.08 33.26 -8.56
CA GLU A 26 1.52 33.24 -7.16
C GLU A 26 2.71 32.24 -7.00
N ALA A 27 2.54 31.04 -7.54
CA ALA A 27 3.59 30.02 -7.48
C ALA A 27 4.91 30.54 -8.05
N GLN A 28 4.84 31.33 -9.11
CA GLN A 28 6.03 31.78 -9.79
C GLN A 28 6.76 32.92 -9.05
N LYS A 29 6.14 33.48 -8.02
CA LYS A 29 6.91 34.26 -7.03
C LYS A 29 8.01 33.43 -6.31
N PHE A 30 7.87 32.11 -6.26
CA PHE A 30 8.80 31.26 -5.48
C PHE A 30 9.83 30.50 -6.32
N ALA A 31 9.51 30.32 -7.61
CA ALA A 31 10.40 29.62 -8.54
C ALA A 31 9.82 29.72 -9.94
N THR A 32 10.68 29.56 -10.94
CA THR A 32 10.27 29.65 -12.34
C THR A 32 10.83 28.47 -13.11
N GLY A 33 11.66 27.64 -12.47
CA GLY A 33 12.26 26.48 -13.13
C GLY A 33 13.61 26.72 -13.79
N ALA A 34 14.23 27.85 -13.49
CA ALA A 34 15.53 28.20 -14.05
C ALA A 34 16.59 27.21 -13.55
N GLY A 35 17.48 26.78 -14.43
CA GLY A 35 18.47 25.78 -14.06
C GLY A 35 17.98 24.34 -14.15
N VAL A 36 16.68 24.14 -14.39
CA VAL A 36 16.12 22.80 -14.55
C VAL A 36 15.86 22.47 -16.02
N THR A 37 16.16 21.23 -16.40
CA THR A 37 15.88 20.71 -17.76
C THR A 37 14.77 19.66 -17.69
N VAL A 38 13.76 19.83 -18.53
CA VAL A 38 12.61 18.95 -18.57
C VAL A 38 12.56 18.32 -19.94
N ALA A 39 12.58 16.99 -19.98
CA ALA A 39 12.42 16.30 -21.25
C ALA A 39 10.95 15.98 -21.51
N VAL A 40 10.55 16.11 -22.75
CA VAL A 40 9.16 15.92 -23.12
C VAL A 40 9.10 14.75 -24.07
N ILE A 41 8.66 13.60 -23.55
CA ILE A 41 8.66 12.39 -24.34
C ILE A 41 7.25 12.33 -24.91
N ASP A 42 7.13 12.61 -26.20
CA ASP A 42 5.83 12.93 -26.75
C ASP A 42 5.88 12.75 -28.28
N THR A 43 5.15 13.58 -29.03
CA THR A 43 5.05 13.46 -30.50
C THR A 43 6.01 14.42 -31.17
N GLY A 44 6.98 14.92 -30.41
CA GLY A 44 7.87 15.97 -30.89
C GLY A 44 7.29 17.36 -30.75
N VAL A 45 8.12 18.37 -31.01
CA VAL A 45 7.77 19.76 -30.79
C VAL A 45 8.15 20.60 -31.99
N ASN A 46 7.22 21.42 -32.49
CA ASN A 46 7.60 22.47 -33.45
C ASN A 46 7.98 23.67 -32.59
N GLY A 47 9.29 23.90 -32.48
CA GLY A 47 9.83 24.92 -31.58
C GLY A 47 9.61 26.35 -32.02
N SER A 48 9.76 27.27 -31.08
CA SER A 48 9.53 28.68 -31.35
C SER A 48 10.12 29.46 -30.18
N PRO A 49 10.26 30.79 -30.33
CA PRO A 49 10.78 31.56 -29.21
C PRO A 49 10.07 31.30 -27.91
N ARG A 50 8.75 31.09 -27.96
CA ARG A 50 8.02 30.83 -26.73
C ARG A 50 8.04 29.36 -26.28
N VAL A 51 8.45 28.47 -27.17
CA VAL A 51 8.54 27.04 -26.84
C VAL A 51 9.89 26.54 -27.37
N PRO A 52 10.97 26.99 -26.72
CA PRO A 52 12.31 26.83 -27.27
C PRO A 52 12.90 25.45 -26.97
N ALA A 53 12.18 24.41 -27.39
CA ALA A 53 12.65 23.04 -27.18
C ALA A 53 13.88 22.80 -28.02
N GLU A 54 14.72 21.89 -27.53
CA GLU A 54 15.94 21.46 -28.19
C GLU A 54 15.77 19.98 -28.57
N PRO A 55 16.47 19.56 -29.66
CA PRO A 55 16.35 18.18 -30.16
C PRO A 55 16.83 17.15 -29.13
N GLY A 56 15.96 16.21 -28.79
CA GLY A 56 16.32 15.15 -27.84
C GLY A 56 16.24 13.77 -28.49
N GLY A 57 16.01 13.75 -29.80
CA GLY A 57 15.99 12.50 -30.54
C GLY A 57 14.62 12.12 -31.03
N ASP A 58 14.60 11.40 -32.15
CA ASP A 58 13.38 10.85 -32.69
C ASP A 58 13.47 9.32 -32.57
N PHE A 59 12.48 8.71 -31.94
CA PHE A 59 12.51 7.29 -31.67
C PHE A 59 11.41 6.59 -32.46
N VAL A 60 10.82 7.32 -33.38
CA VAL A 60 9.80 6.80 -34.26
C VAL A 60 10.46 6.68 -35.63
N ASP A 61 11.05 7.78 -36.09
CA ASP A 61 11.82 7.81 -37.31
C ASP A 61 13.29 8.09 -36.96
N ALA A 62 14.16 7.14 -37.28
CA ALA A 62 15.61 7.25 -37.05
C ALA A 62 16.25 8.53 -37.61
N ALA A 63 15.77 9.01 -38.76
CA ALA A 63 16.10 10.37 -39.22
C ALA A 63 15.24 11.34 -38.40
N GLY A 64 15.58 12.62 -38.35
CA GLY A 64 14.77 13.52 -37.50
C GLY A 64 15.24 13.44 -36.05
N ASN A 65 14.89 14.46 -35.27
CA ASN A 65 15.55 14.73 -34.02
C ASN A 65 14.67 15.11 -32.83
N GLY A 66 13.39 14.92 -32.98
CA GLY A 66 12.42 15.37 -32.04
C GLY A 66 11.83 16.75 -32.27
N MET A 67 12.39 17.52 -33.17
CA MET A 67 11.87 18.83 -33.41
C MET A 67 10.90 18.90 -34.58
N SER A 68 10.04 17.93 -34.68
CA SER A 68 8.99 17.96 -35.65
C SER A 68 7.78 17.29 -35.01
N ASP A 69 6.71 18.06 -34.89
CA ASP A 69 5.46 17.59 -34.33
C ASP A 69 4.46 17.54 -35.48
N CYS A 70 4.08 16.32 -35.86
CA CYS A 70 3.12 16.10 -36.93
C CYS A 70 1.80 15.67 -36.35
N ASP A 71 1.69 15.73 -35.03
CA ASP A 71 0.46 15.28 -34.36
C ASP A 71 -0.26 16.35 -33.57
N ALA A 72 0.19 17.61 -33.65
CA ALA A 72 -0.40 18.70 -32.86
C ALA A 72 -0.59 18.24 -31.42
N HIS A 73 0.51 17.91 -30.75
CA HIS A 73 0.40 17.38 -29.40
C HIS A 73 1.58 17.74 -28.52
N GLY A 74 2.73 17.11 -28.77
CA GLY A 74 3.95 17.43 -28.04
C GLY A 74 4.23 18.92 -27.90
N THR A 75 3.93 19.67 -28.94
CA THR A 75 4.15 21.12 -28.95
C THR A 75 3.38 21.75 -27.79
N MET A 76 2.11 21.32 -27.62
CA MET A 76 1.27 21.86 -26.57
C MET A 76 1.60 21.37 -25.17
N THR A 77 2.05 20.11 -25.09
CA THR A 77 2.58 19.53 -23.85
C THR A 77 3.79 20.35 -23.37
N ALA A 78 4.73 20.59 -24.27
CA ALA A 78 5.91 21.37 -23.95
C ALA A 78 5.57 22.80 -23.48
N ALA A 79 4.56 23.42 -24.08
CA ALA A 79 4.19 24.78 -23.75
C ALA A 79 3.53 24.88 -22.36
N ILE A 80 2.79 23.84 -21.98
CA ILE A 80 2.17 23.81 -20.66
C ILE A 80 3.24 23.73 -19.58
N ILE A 81 4.27 22.95 -19.86
CA ILE A 81 5.35 22.78 -18.91
C ILE A 81 6.11 24.10 -18.84
N GLY A 82 6.53 24.60 -20.00
CA GLY A 82 7.52 25.67 -19.99
C GLY A 82 7.35 26.83 -20.97
N GLY A 83 6.15 26.99 -21.54
CA GLY A 83 5.89 28.07 -22.47
C GLY A 83 6.13 29.43 -21.82
N ARG A 84 6.90 30.27 -22.49
CA ARG A 84 7.27 31.59 -21.97
C ARG A 84 6.07 32.55 -22.01
N PRO A 85 6.05 33.56 -21.14
CA PRO A 85 4.92 34.49 -21.21
C PRO A 85 5.11 35.48 -22.36
N SER A 86 4.09 36.30 -22.60
CA SER A 86 4.11 37.33 -23.63
C SER A 86 3.34 38.56 -23.10
N PRO A 87 3.75 39.79 -23.51
CA PRO A 87 3.05 40.96 -23.03
C PRO A 87 1.64 41.08 -23.58
N THR A 88 1.29 40.29 -24.61
CA THR A 88 -0.02 40.48 -25.26
C THR A 88 -1.07 39.38 -25.03
N ASP A 89 -0.79 38.41 -24.18
CA ASP A 89 -1.81 37.42 -23.86
C ASP A 89 -1.52 36.92 -22.46
N GLY A 90 -2.45 36.16 -21.89
CA GLY A 90 -2.30 35.70 -20.51
C GLY A 90 -1.74 34.29 -20.38
N PHE A 91 -1.31 33.67 -21.47
CA PHE A 91 -0.73 32.31 -21.32
C PHE A 91 0.73 32.35 -20.90
N VAL A 92 1.07 31.46 -19.96
CA VAL A 92 2.43 31.11 -19.59
C VAL A 92 2.37 29.66 -19.10
N GLY A 93 3.40 28.88 -19.41
CA GLY A 93 3.60 27.56 -18.78
C GLY A 93 3.86 27.61 -17.28
N MET A 94 3.82 26.45 -16.64
CA MET A 94 4.04 26.33 -15.20
C MET A 94 5.43 26.85 -14.83
N ALA A 95 6.42 26.54 -15.66
CA ALA A 95 7.81 26.85 -15.34
C ALA A 95 8.48 27.43 -16.58
N PRO A 96 8.29 28.76 -16.82
CA PRO A 96 8.67 29.40 -18.09
C PRO A 96 10.17 29.58 -18.24
N ASP A 97 10.94 29.23 -17.20
CA ASP A 97 12.41 29.30 -17.27
C ASP A 97 13.16 27.97 -17.53
N VAL A 98 12.46 26.85 -17.69
CA VAL A 98 13.16 25.55 -17.88
C VAL A 98 13.77 25.45 -19.25
N ARG A 99 14.77 24.58 -19.36
CA ARG A 99 15.18 24.07 -20.66
C ARG A 99 14.22 22.92 -21.02
N LEU A 100 13.92 22.84 -22.30
CA LEU A 100 12.97 21.87 -22.81
C LEU A 100 13.66 20.99 -23.84
N LEU A 101 13.61 19.68 -23.60
CA LEU A 101 14.14 18.71 -24.56
C LEU A 101 12.99 17.90 -25.13
N SER A 102 12.96 17.80 -26.45
CA SER A 102 11.92 17.05 -27.13
C SER A 102 12.43 15.72 -27.68
N LEU A 103 11.88 14.64 -27.13
CA LEU A 103 12.11 13.30 -27.64
C LEU A 103 10.82 12.79 -28.26
N ARG A 104 10.85 12.53 -29.57
CA ARG A 104 9.67 12.01 -30.20
C ARG A 104 9.69 10.50 -30.06
N GLN A 105 8.71 9.98 -29.36
CA GLN A 105 8.69 8.58 -29.01
C GLN A 105 7.41 7.94 -29.52
N THR A 106 6.39 8.75 -29.77
CA THR A 106 5.08 8.30 -30.22
C THR A 106 4.53 9.20 -31.33
N SER A 107 3.83 8.61 -32.30
CA SER A 107 3.23 9.37 -33.40
C SER A 107 2.14 8.58 -34.12
N VAL A 108 0.96 9.16 -34.26
CA VAL A 108 -0.12 8.54 -35.05
C VAL A 108 0.10 8.79 -36.55
N ALA A 109 0.53 10.00 -36.90
CA ALA A 109 0.71 10.40 -38.30
C ALA A 109 1.69 9.53 -39.08
N GLY A 129 6.96 -3.17 -28.55
CA GLY A 129 6.62 -2.13 -29.52
C GLY A 129 7.12 -0.76 -29.09
N SER A 130 6.20 0.21 -28.99
CA SER A 130 6.55 1.55 -28.51
C SER A 130 7.05 1.52 -27.04
N ILE A 131 6.80 0.41 -26.38
CA ILE A 131 7.33 0.15 -25.05
C ILE A 131 8.87 -0.08 -25.13
N ARG A 132 9.32 -0.61 -26.26
CA ARG A 132 10.75 -0.79 -26.49
C ARG A 132 11.37 0.58 -26.70
N SER A 133 10.70 1.41 -27.51
CA SER A 133 11.23 2.73 -27.75
C SER A 133 11.15 3.57 -26.47
N LEU A 134 10.15 3.31 -25.63
CA LEU A 134 10.02 4.08 -24.39
C LEU A 134 11.21 3.90 -23.45
N ALA A 135 11.66 2.67 -23.29
CA ALA A 135 12.79 2.40 -22.42
C ALA A 135 14.00 3.17 -22.91
N ARG A 136 14.28 3.09 -24.22
CA ARG A 136 15.40 3.77 -24.82
C ARG A 136 15.30 5.28 -24.59
N SER A 137 14.12 5.85 -24.79
CA SER A 137 14.03 7.30 -24.74
C SER A 137 14.12 7.81 -23.30
N VAL A 138 13.60 7.02 -22.35
CA VAL A 138 13.77 7.34 -20.92
C VAL A 138 15.27 7.39 -20.53
N VAL A 139 16.04 6.39 -20.96
CA VAL A 139 17.46 6.35 -20.65
C VAL A 139 18.13 7.56 -21.29
N HIS A 140 17.73 7.84 -22.53
CA HIS A 140 18.35 8.90 -23.30
C HIS A 140 18.11 10.29 -22.74
N ALA A 141 16.86 10.54 -22.31
CA ALA A 141 16.49 11.80 -21.63
C ALA A 141 17.26 12.03 -20.33
N ALA A 142 17.38 10.98 -19.52
CA ALA A 142 18.29 10.97 -18.35
C ALA A 142 19.76 11.27 -18.75
N ASN A 143 20.25 10.62 -19.79
CA ASN A 143 21.60 10.86 -20.23
C ASN A 143 21.82 12.24 -20.78
N LEU A 144 20.76 12.87 -21.29
CA LEU A 144 20.83 14.27 -21.73
C LEU A 144 20.78 15.27 -20.58
N GLY A 145 20.65 14.79 -19.35
CA GLY A 145 20.68 15.67 -18.19
C GLY A 145 19.31 16.18 -17.79
N ALA A 146 18.24 15.56 -18.29
CA ALA A 146 16.88 15.91 -17.87
C ALA A 146 16.65 15.50 -16.42
N GLN A 147 16.12 16.41 -15.63
CA GLN A 147 15.91 16.18 -14.22
C GLN A 147 14.45 15.99 -13.96
N VAL A 148 13.65 16.28 -15.00
CA VAL A 148 12.23 16.01 -14.99
C VAL A 148 11.93 15.44 -16.35
N ILE A 149 11.16 14.37 -16.37
CA ILE A 149 10.84 13.71 -17.60
C ILE A 149 9.33 13.49 -17.64
N ASN A 150 8.68 14.07 -18.66
CA ASN A 150 7.24 13.96 -18.86
C ASN A 150 6.97 12.97 -19.97
N ILE A 151 6.11 11.98 -19.66
CA ILE A 151 5.78 10.91 -20.61
C ILE A 151 4.29 10.93 -20.91
N SER A 152 3.94 11.21 -22.16
CA SER A 152 2.51 11.25 -22.59
C SER A 152 1.93 9.86 -22.84
N GLU A 153 2.81 8.91 -23.18
CA GLU A 153 2.45 7.55 -23.52
C GLU A 153 1.76 6.80 -22.38
N ALA A 154 0.66 6.15 -22.76
CA ALA A 154 -0.12 5.35 -21.84
C ALA A 154 -0.63 4.14 -22.62
N ALA A 155 0.07 3.02 -22.46
CA ALA A 155 -0.26 1.79 -23.16
C ALA A 155 -1.16 0.98 -22.25
N CYS A 156 -2.26 0.47 -22.79
CA CYS A 156 -3.21 -0.33 -22.00
C CYS A 156 -3.19 -1.79 -22.36
N TYR A 157 -3.24 -2.64 -21.34
CA TYR A 157 -3.25 -4.08 -21.53
C TYR A 157 -4.42 -4.66 -20.80
N LYS A 158 -4.98 -5.75 -21.32
CA LYS A 158 -5.88 -6.59 -20.53
C LYS A 158 -5.11 -7.08 -19.31
N VAL A 159 -5.80 -7.12 -18.18
CA VAL A 159 -5.19 -7.52 -16.91
C VAL A 159 -4.72 -8.96 -17.00
N THR A 160 -5.37 -9.73 -17.88
CA THR A 160 -5.11 -11.16 -18.07
C THR A 160 -3.86 -11.42 -18.89
N ARG A 161 -3.52 -10.46 -19.76
CA ARG A 161 -2.40 -10.55 -20.69
C ARG A 161 -1.07 -10.63 -19.97
N ARG A 162 -0.11 -11.34 -20.57
CA ARG A 162 1.23 -11.42 -20.00
C ARG A 162 2.03 -10.24 -20.49
N ILE A 163 2.51 -9.46 -19.52
CA ILE A 163 3.18 -8.20 -19.76
C ILE A 163 4.68 -8.38 -19.56
N ASP A 164 5.49 -8.06 -20.57
CA ASP A 164 6.94 -8.09 -20.39
C ASP A 164 7.74 -6.83 -20.65
N GLU A 165 8.03 -6.10 -19.58
CA GLU A 165 8.70 -4.83 -19.74
C GLU A 165 9.70 -4.73 -18.60
N THR A 166 10.64 -5.68 -18.62
CA THR A 166 11.80 -5.69 -17.74
C THR A 166 12.71 -4.55 -18.12
N SER A 167 12.91 -4.32 -19.41
CA SER A 167 13.86 -3.28 -19.78
C SER A 167 13.29 -1.85 -19.57
N LEU A 168 11.97 -1.67 -19.70
CA LEU A 168 11.35 -0.41 -19.29
C LEU A 168 11.52 -0.18 -17.78
N GLY A 169 11.22 -1.21 -16.98
CA GLY A 169 11.43 -1.15 -15.52
C GLY A 169 12.87 -0.79 -15.19
N ALA A 170 13.80 -1.33 -15.96
CA ALA A 170 15.20 -1.07 -15.74
C ALA A 170 15.54 0.38 -16.10
N ALA A 171 15.00 0.83 -17.23
CA ALA A 171 15.19 2.19 -17.69
C ALA A 171 14.70 3.20 -16.65
N ILE A 172 13.54 2.93 -16.07
CA ILE A 172 12.95 3.87 -15.14
C ILE A 172 13.78 3.89 -13.85
N ASN A 173 14.19 2.71 -13.37
CA ASN A 173 15.07 2.59 -12.23
C ASN A 173 16.34 3.39 -12.39
N TYR A 174 16.97 3.22 -13.55
CA TYR A 174 18.17 3.95 -13.87
C TYR A 174 17.93 5.44 -13.81
N ALA A 175 16.96 5.91 -14.61
CA ALA A 175 16.64 7.33 -14.70
C ALA A 175 16.35 7.96 -13.34
N VAL A 176 15.57 7.26 -12.52
CA VAL A 176 15.15 7.81 -11.22
C VAL A 176 16.19 7.59 -10.13
N ASN A 177 16.54 6.33 -9.89
CA ASN A 177 17.37 5.99 -8.73
C ASN A 177 18.84 6.24 -8.96
N VAL A 178 19.24 6.32 -10.22
CA VAL A 178 20.63 6.55 -10.51
C VAL A 178 20.85 7.98 -10.98
N LYS A 179 20.07 8.43 -11.97
CA LYS A 179 20.23 9.79 -12.46
C LYS A 179 19.47 10.85 -11.66
N GLY A 180 18.56 10.47 -10.77
CA GLY A 180 17.82 11.45 -9.98
C GLY A 180 16.80 12.27 -10.77
N ALA A 181 16.24 11.69 -11.83
CA ALA A 181 15.12 12.30 -12.57
C ALA A 181 13.76 12.05 -11.90
N VAL A 182 12.97 13.12 -11.76
CA VAL A 182 11.56 13.00 -11.43
C VAL A 182 10.84 12.68 -12.75
N ILE A 183 10.02 11.63 -12.76
CA ILE A 183 9.30 11.22 -13.95
C ILE A 183 7.82 11.27 -13.66
N VAL A 184 7.12 12.00 -14.53
CA VAL A 184 5.70 12.27 -14.41
C VAL A 184 5.05 11.72 -15.66
N VAL A 185 4.01 10.91 -15.50
CA VAL A 185 3.42 10.22 -16.64
C VAL A 185 1.90 10.37 -16.63
N ALA A 186 1.32 10.29 -17.82
CA ALA A 186 -0.12 10.43 -17.95
C ALA A 186 -0.84 9.22 -17.36
N ALA A 187 -1.94 9.47 -16.64
CA ALA A 187 -2.85 8.38 -16.23
C ALA A 187 -3.32 7.56 -17.44
N GLY A 188 -3.51 8.21 -18.58
CA GLY A 188 -4.13 7.57 -19.76
C GLY A 188 -5.57 7.95 -19.94
N ASN A 189 -6.02 7.99 -21.19
CA ASN A 189 -7.40 8.34 -21.49
C ASN A 189 -8.22 7.11 -21.88
N THR A 190 -9.46 7.06 -21.42
CA THR A 190 -10.34 5.96 -21.83
C THR A 190 -10.54 6.02 -23.34
N GLY A 191 -10.63 4.87 -23.96
CA GLY A 191 -10.93 4.83 -25.37
C GLY A 191 -11.15 3.42 -25.87
N GLN A 192 -10.88 3.26 -27.15
CA GLN A 192 -11.03 1.98 -27.83
C GLN A 192 -10.06 0.95 -27.26
N ASP A 193 -8.79 1.31 -27.19
CA ASP A 193 -7.75 0.41 -26.71
C ASP A 193 -7.73 0.28 -25.19
N CYS A 194 -8.59 1.01 -24.49
CA CYS A 194 -8.36 1.31 -23.09
C CYS A 194 -9.70 1.48 -22.34
N SER A 195 -10.07 0.47 -21.56
CA SER A 195 -11.32 0.48 -20.83
C SER A 195 -11.19 0.86 -19.34
N GLN A 196 -12.17 1.60 -18.82
CA GLN A 196 -12.11 2.14 -17.46
C GLN A 196 -12.11 1.03 -16.41
N ASN A 197 -11.29 1.24 -15.38
CA ASN A 197 -11.26 0.37 -14.23
C ASN A 197 -12.35 0.70 -13.21
N PRO A 198 -13.07 -0.33 -12.72
CA PRO A 198 -14.04 -0.15 -11.64
C PRO A 198 -13.33 0.27 -10.34
N PRO A 199 -14.06 0.93 -9.43
CA PRO A 199 -13.50 1.35 -8.15
C PRO A 199 -13.18 0.14 -7.27
N PRO A 200 -12.35 0.31 -6.21
CA PRO A 200 -12.09 -0.78 -5.27
C PRO A 200 -13.37 -1.27 -4.64
N ASP A 201 -13.35 -2.50 -4.16
CA ASP A 201 -14.46 -3.08 -3.45
C ASP A 201 -14.26 -2.76 -1.96
N PRO A 202 -15.19 -1.99 -1.37
CA PRO A 202 -15.06 -1.53 0.00
C PRO A 202 -15.10 -2.67 1.01
N SER A 203 -15.53 -3.84 0.57
CA SER A 203 -15.69 -4.91 1.51
C SER A 203 -14.45 -5.80 1.61
N VAL A 204 -13.33 -5.40 0.99
CA VAL A 204 -12.07 -6.15 1.12
C VAL A 204 -11.00 -5.21 1.68
N PRO A 205 -10.83 -5.23 3.02
CA PRO A 205 -9.96 -4.26 3.69
C PRO A 205 -8.55 -4.33 3.18
N SER A 206 -8.09 -5.50 2.76
CA SER A 206 -6.69 -5.65 2.36
C SER A 206 -6.38 -5.33 0.91
N ASP A 207 -7.41 -4.92 0.15
CA ASP A 207 -7.21 -4.42 -1.21
C ASP A 207 -7.73 -2.97 -1.35
N PRO A 208 -7.18 -2.03 -0.56
CA PRO A 208 -7.77 -0.66 -0.60
C PRO A 208 -7.68 0.05 -1.97
N ARG A 209 -6.73 -0.35 -2.82
CA ARG A 209 -6.58 0.28 -4.11
C ARG A 209 -7.25 -0.52 -5.24
N GLY A 210 -8.01 -1.56 -4.85
CA GLY A 210 -8.81 -2.34 -5.81
C GLY A 210 -8.06 -3.09 -6.89
N TRP A 211 -6.88 -3.62 -6.57
CA TRP A 211 -6.16 -4.46 -7.51
C TRP A 211 -7.01 -5.58 -8.06
N ARG A 212 -7.89 -6.14 -7.22
CA ARG A 212 -8.66 -7.31 -7.63
C ARG A 212 -9.73 -6.90 -8.69
N GLU A 213 -9.94 -5.61 -8.88
CA GLU A 213 -10.97 -5.11 -9.77
C GLU A 213 -10.40 -4.59 -11.09
N VAL A 214 -9.08 -4.48 -11.17
CA VAL A 214 -8.42 -3.94 -12.36
C VAL A 214 -8.74 -4.83 -13.59
N GLN A 215 -9.08 -4.21 -14.69
CA GLN A 215 -9.27 -4.87 -15.96
C GLN A 215 -8.26 -4.40 -16.98
N THR A 216 -7.82 -3.19 -16.85
CA THR A 216 -6.89 -2.59 -17.79
C THR A 216 -5.66 -2.11 -17.05
N ILE A 217 -4.48 -2.62 -17.44
CA ILE A 217 -3.22 -2.14 -16.89
C ILE A 217 -2.70 -1.03 -17.79
N VAL A 218 -2.35 0.13 -17.20
CA VAL A 218 -1.75 1.22 -17.96
C VAL A 218 -0.27 1.35 -17.64
N SER A 219 0.53 1.53 -18.67
CA SER A 219 1.95 1.66 -18.51
C SER A 219 2.46 2.85 -19.35
N PRO A 220 3.39 3.67 -18.82
CA PRO A 220 4.15 3.52 -17.55
C PRO A 220 3.43 3.94 -16.29
N ALA A 221 2.13 4.22 -16.41
CA ALA A 221 1.31 4.59 -15.25
C ALA A 221 1.50 3.70 -14.01
N TRP A 222 1.63 2.39 -14.21
CA TRP A 222 1.66 1.46 -13.08
C TRP A 222 2.98 1.41 -12.34
N TYR A 223 3.93 2.26 -12.76
CA TYR A 223 5.23 2.50 -12.07
C TYR A 223 5.17 3.53 -10.90
N ASP A 224 4.01 4.11 -10.68
CA ASP A 224 3.81 5.01 -9.53
C ASP A 224 3.89 4.13 -8.27
N PRO A 225 4.52 4.59 -7.19
CA PRO A 225 5.07 5.93 -6.84
C PRO A 225 6.51 6.20 -7.26
N LEU A 226 7.19 5.24 -7.86
CA LEU A 226 8.52 5.48 -8.43
C LEU A 226 8.50 6.62 -9.42
N VAL A 227 7.54 6.59 -10.34
CA VAL A 227 7.20 7.76 -11.14
C VAL A 227 5.95 8.38 -10.53
N LEU A 228 5.56 9.56 -10.95
CA LEU A 228 4.28 10.09 -10.47
C LEU A 228 3.26 10.10 -11.62
N THR A 229 2.14 9.40 -11.42
CA THR A 229 1.11 9.22 -12.45
C THR A 229 -0.05 10.19 -12.23
N VAL A 230 -0.43 10.91 -13.28
CA VAL A 230 -1.29 12.05 -13.13
C VAL A 230 -2.59 11.92 -13.90
N GLY A 231 -3.72 11.92 -13.17
CA GLY A 231 -5.06 11.97 -13.76
C GLY A 231 -5.55 13.39 -14.02
N SER A 232 -6.64 13.49 -14.75
CA SER A 232 -7.18 14.78 -15.19
C SER A 232 -8.44 15.16 -14.44
N ILE A 233 -8.59 16.45 -14.15
CA ILE A 233 -9.82 17.01 -13.59
C ILE A 233 -10.35 18.13 -14.51
N GLY A 234 -11.65 18.41 -14.39
CA GLY A 234 -12.27 19.53 -15.10
C GLY A 234 -12.25 20.81 -14.29
N GLN A 235 -12.84 21.86 -14.86
CA GLN A 235 -12.99 23.15 -14.18
C GLN A 235 -13.73 23.06 -12.86
N ASN A 236 -14.62 22.07 -12.74
CA ASN A 236 -15.34 21.86 -11.50
C ASN A 236 -14.52 21.09 -10.44
N GLY A 237 -13.22 20.92 -10.70
CA GLY A 237 -12.33 20.22 -9.77
C GLY A 237 -12.61 18.72 -9.64
N GLN A 238 -13.50 18.21 -10.48
CA GLN A 238 -13.88 16.79 -10.50
C GLN A 238 -13.12 15.99 -11.57
N PRO A 239 -12.90 14.68 -11.31
CA PRO A 239 -12.16 13.83 -12.26
C PRO A 239 -12.78 13.91 -13.64
N SER A 240 -11.98 14.09 -14.69
CA SER A 240 -12.47 14.00 -16.07
C SER A 240 -12.98 12.60 -16.34
N ASN A 241 -14.09 12.49 -17.07
CA ASN A 241 -14.69 11.21 -17.41
C ASN A 241 -13.77 10.35 -18.28
N PHE A 242 -12.85 10.97 -19.00
CA PHE A 242 -11.92 10.21 -19.86
C PHE A 242 -10.65 9.75 -19.14
N SER A 243 -10.51 10.16 -17.88
CA SER A 243 -9.26 9.91 -17.12
C SER A 243 -9.22 8.47 -16.64
N MET A 244 -8.20 7.71 -17.04
CA MET A 244 -8.09 6.31 -16.59
C MET A 244 -7.87 6.22 -15.08
N SER A 245 -8.73 5.49 -14.38
CA SER A 245 -8.51 5.23 -12.95
C SER A 245 -7.74 3.93 -12.68
N GLY A 246 -7.09 3.86 -11.51
CA GLY A 246 -6.33 2.70 -11.14
C GLY A 246 -5.58 2.84 -9.84
N PRO A 247 -5.11 1.68 -9.31
CA PRO A 247 -4.35 1.60 -8.06
C PRO A 247 -3.07 2.42 -8.12
N TRP A 248 -2.67 2.85 -9.33
CA TRP A 248 -1.41 3.55 -9.52
C TRP A 248 -1.54 5.06 -9.66
N VAL A 249 -2.77 5.59 -9.75
CA VAL A 249 -2.88 7.04 -9.92
C VAL A 249 -2.36 7.76 -8.67
N GLY A 250 -1.46 8.72 -8.88
CA GLY A 250 -0.75 9.35 -7.78
C GLY A 250 -1.18 10.78 -7.50
N ALA A 251 -1.62 11.50 -8.54
CA ALA A 251 -2.05 12.91 -8.39
C ALA A 251 -2.96 13.30 -9.54
N ALA A 252 -3.42 14.55 -9.53
CA ALA A 252 -4.26 15.06 -10.62
C ALA A 252 -4.01 16.55 -10.94
N ALA A 253 -4.40 16.94 -12.14
CA ALA A 253 -4.20 18.32 -12.59
C ALA A 253 -5.21 18.65 -13.69
N PRO A 254 -5.49 19.93 -13.86
CA PRO A 254 -6.34 20.34 -14.98
C PRO A 254 -5.99 19.61 -16.29
N GLY A 255 -6.98 19.00 -16.93
CA GLY A 255 -6.78 18.35 -18.24
C GLY A 255 -7.92 18.53 -19.23
N GLU A 256 -8.74 19.57 -19.04
CA GLU A 256 -9.89 19.83 -19.93
C GLU A 256 -10.00 21.27 -20.39
N ASN A 257 -10.39 21.47 -21.65
CA ASN A 257 -10.69 22.80 -22.18
C ASN A 257 -9.52 23.72 -21.93
N LEU A 258 -8.33 23.25 -22.26
CA LEU A 258 -7.15 23.99 -21.90
C LEU A 258 -6.70 24.93 -23.00
N THR A 259 -5.80 25.84 -22.61
CA THR A 259 -5.08 26.69 -23.53
C THR A 259 -3.59 26.35 -23.48
N SER A 260 -2.94 26.43 -24.63
CA SER A 260 -1.50 26.20 -24.69
C SER A 260 -0.98 26.88 -25.95
N LEU A 261 0.28 26.66 -26.31
CA LEU A 261 0.86 27.34 -27.47
C LEU A 261 1.03 26.41 -28.65
N GLY A 262 0.90 26.99 -29.84
CA GLY A 262 0.90 26.25 -31.08
C GLY A 262 2.24 26.26 -31.76
N TYR A 263 2.22 25.95 -33.05
CA TYR A 263 3.42 25.69 -33.81
C TYR A 263 4.23 26.96 -34.00
N ASP A 264 3.58 28.11 -33.80
CA ASP A 264 4.25 29.41 -33.82
C ASP A 264 4.55 30.00 -32.43
N GLY A 265 4.13 29.33 -31.37
CA GLY A 265 4.31 29.88 -30.02
C GLY A 265 3.20 30.82 -29.59
N GLN A 266 2.07 30.74 -30.28
CA GLN A 266 0.90 31.62 -30.09
C GLN A 266 -0.24 30.83 -29.43
N PRO A 267 -1.09 31.52 -28.67
CA PRO A 267 -2.12 30.78 -27.93
C PRO A 267 -3.00 29.92 -28.84
N VAL A 268 -3.26 28.68 -28.44
CA VAL A 268 -4.21 27.83 -29.14
C VAL A 268 -5.05 27.09 -28.11
N ASN A 269 -6.30 26.80 -28.45
CA ASN A 269 -7.20 26.16 -27.51
C ASN A 269 -8.08 25.07 -28.12
N ALA A 270 -7.76 24.67 -29.34
CA ALA A 270 -8.50 23.63 -29.99
C ALA A 270 -7.68 23.01 -31.10
N THR A 271 -8.11 21.85 -31.57
CA THR A 271 -7.64 21.33 -32.85
C THR A 271 -8.87 21.25 -33.77
N PRO A 272 -8.67 21.46 -35.08
CA PRO A 272 -9.84 21.42 -35.98
C PRO A 272 -10.41 20.00 -36.05
N GLY A 273 -11.73 19.87 -36.07
CA GLY A 273 -12.37 18.55 -36.12
C GLY A 273 -13.45 18.44 -37.18
N GLU A 274 -13.88 17.20 -37.43
CA GLU A 274 -14.94 16.90 -38.41
C GLU A 274 -16.20 17.72 -38.21
N ASP A 275 -16.66 17.80 -36.97
CA ASP A 275 -17.91 18.51 -36.70
C ASP A 275 -17.66 19.79 -35.94
N GLY A 276 -16.40 20.22 -35.90
CA GLY A 276 -16.04 21.48 -35.25
C GLY A 276 -14.71 21.41 -34.54
N PRO A 277 -14.36 22.48 -33.80
CA PRO A 277 -13.10 22.53 -33.04
C PRO A 277 -13.16 21.60 -31.80
N VAL A 278 -12.12 20.80 -31.58
CA VAL A 278 -12.03 19.89 -30.43
C VAL A 278 -11.18 20.58 -29.33
N PRO A 279 -11.71 20.69 -28.10
CA PRO A 279 -10.85 21.36 -27.13
C PRO A 279 -9.58 20.55 -26.81
N LEU A 280 -8.67 21.19 -26.09
CA LEU A 280 -7.43 20.53 -25.69
C LEU A 280 -7.69 19.81 -24.38
N ASN A 281 -7.80 18.48 -24.45
CA ASN A 281 -8.08 17.60 -23.33
C ASN A 281 -7.11 16.44 -23.36
N GLY A 282 -6.73 15.94 -22.18
CA GLY A 282 -5.86 14.77 -22.14
C GLY A 282 -5.11 14.71 -20.84
N THR A 283 -4.99 13.50 -20.31
CA THR A 283 -4.19 13.27 -19.11
C THR A 283 -2.71 13.61 -19.35
N SER A 284 -2.27 13.67 -20.60
CA SER A 284 -0.88 14.07 -20.82
C SER A 284 -0.66 15.56 -20.54
N PHE A 285 -1.70 16.37 -20.74
CA PHE A 285 -1.61 17.80 -20.39
C PHE A 285 -1.64 17.99 -18.87
N SER A 286 -2.46 17.19 -18.21
CA SER A 286 -2.47 17.09 -16.75
C SER A 286 -1.08 16.73 -16.27
N ALA A 287 -0.48 15.70 -16.87
CA ALA A 287 0.88 15.31 -16.51
C ALA A 287 1.83 16.49 -16.71
N ALA A 288 1.64 17.22 -17.80
CA ALA A 288 2.49 18.34 -18.13
C ALA A 288 2.53 19.44 -17.06
N TYR A 289 1.38 19.76 -16.46
CA TYR A 289 1.33 20.66 -15.31
C TYR A 289 2.15 20.17 -14.12
N VAL A 290 2.00 18.90 -13.79
CA VAL A 290 2.78 18.32 -12.73
C VAL A 290 4.29 18.31 -13.07
N SER A 291 4.68 18.02 -14.30
CA SER A 291 6.11 18.12 -14.64
C SER A 291 6.65 19.54 -14.41
N GLY A 292 5.80 20.52 -14.72
CA GLY A 292 6.14 21.91 -14.54
C GLY A 292 6.34 22.19 -13.04
N LEU A 293 5.41 21.73 -12.22
CA LEU A 293 5.50 21.91 -10.76
C LEU A 293 6.77 21.29 -10.26
N ALA A 294 7.05 20.07 -10.71
CA ALA A 294 8.27 19.36 -10.31
C ALA A 294 9.52 20.21 -10.59
N ALA A 295 9.56 20.87 -11.74
CA ALA A 295 10.69 21.72 -12.07
C ALA A 295 10.77 22.96 -11.15
N LEU A 296 9.62 23.52 -10.79
CA LEU A 296 9.61 24.60 -9.81
C LEU A 296 10.14 24.13 -8.46
N VAL A 297 9.66 22.99 -8.01
CA VAL A 297 10.06 22.44 -6.72
C VAL A 297 11.55 22.15 -6.72
N LYS A 298 12.04 21.68 -7.86
CA LYS A 298 13.43 21.37 -8.05
C LYS A 298 14.30 22.63 -7.90
N GLN A 299 13.95 23.72 -8.58
CA GLN A 299 14.76 24.94 -8.47
C GLN A 299 14.79 25.43 -7.02
N ARG A 300 13.64 25.41 -6.37
CA ARG A 300 13.50 25.95 -5.05
C ARG A 300 14.16 25.09 -3.96
N PHE A 301 14.18 23.78 -4.16
CA PHE A 301 14.73 22.88 -3.16
C PHE A 301 15.71 21.94 -3.85
N PRO A 302 16.84 22.47 -4.33
CA PRO A 302 17.67 21.67 -5.23
C PRO A 302 18.29 20.41 -4.62
N ASP A 303 18.12 20.19 -3.32
CA ASP A 303 18.73 19.00 -2.75
C ASP A 303 17.76 17.85 -2.56
N LEU A 304 16.49 18.05 -2.89
CA LEU A 304 15.51 16.98 -2.75
C LEU A 304 15.76 15.88 -3.78
N THR A 305 15.55 14.64 -3.38
CA THR A 305 15.63 13.51 -4.30
C THR A 305 14.31 13.49 -5.13
N PRO A 306 14.27 12.72 -6.24
CA PRO A 306 12.97 12.58 -6.94
C PRO A 306 11.84 12.17 -6.00
N ALA A 307 12.06 11.12 -5.19
CA ALA A 307 11.06 10.68 -4.20
C ALA A 307 10.64 11.81 -3.28
N GLN A 308 11.56 12.71 -2.94
CA GLN A 308 11.18 13.81 -2.02
C GLN A 308 10.40 14.93 -2.75
N ILE A 309 10.74 15.15 -4.02
CA ILE A 309 9.97 16.09 -4.82
C ILE A 309 8.54 15.53 -5.00
N ILE A 310 8.47 14.25 -5.35
CA ILE A 310 7.20 13.59 -5.51
C ILE A 310 6.37 13.71 -4.23
N ASN A 311 6.98 13.36 -3.10
CA ASN A 311 6.31 13.46 -1.79
C ASN A 311 5.82 14.89 -1.48
N ARG A 312 6.67 15.87 -1.73
CA ARG A 312 6.29 17.27 -1.53
C ARG A 312 5.05 17.66 -2.39
N ILE A 313 5.00 17.17 -3.63
CA ILE A 313 3.86 17.41 -4.51
C ILE A 313 2.56 16.70 -4.09
N THR A 314 2.66 15.43 -3.72
CA THR A 314 1.49 14.64 -3.30
C THR A 314 1.03 14.97 -1.88
N ALA A 315 1.97 15.27 -0.98
CA ALA A 315 1.63 15.62 0.42
C ALA A 315 0.89 16.94 0.47
N THR A 316 1.15 17.83 -0.47
CA THR A 316 0.48 19.15 -0.46
C THR A 316 -0.70 19.25 -1.42
N ALA A 317 -1.07 18.13 -2.05
CA ALA A 317 -2.24 18.12 -2.93
C ALA A 317 -3.50 18.18 -2.09
N ARG A 318 -4.57 18.69 -2.69
CA ARG A 318 -5.89 18.64 -2.10
C ARG A 318 -6.43 17.21 -2.14
N HIS A 319 -6.32 16.51 -1.01
CA HIS A 319 -6.69 15.10 -0.89
C HIS A 319 -8.16 14.83 -1.07
N PRO A 320 -8.50 13.73 -1.77
CA PRO A 320 -9.89 13.24 -1.84
C PRO A 320 -10.25 12.57 -0.52
N GLY A 321 -11.54 12.28 -0.32
CA GLY A 321 -11.99 11.47 0.82
C GLY A 321 -11.17 10.21 0.88
N GLY A 322 -10.73 9.84 2.08
CA GLY A 322 -9.85 8.70 2.22
C GLY A 322 -8.40 9.11 2.06
N GLY A 323 -8.16 10.36 1.61
CA GLY A 323 -6.79 10.85 1.40
C GLY A 323 -6.16 10.45 0.07
N VAL A 324 -6.40 9.21 -0.36
CA VAL A 324 -5.97 8.71 -1.67
C VAL A 324 -7.17 8.00 -2.35
N ASP A 325 -7.30 8.12 -3.68
CA ASP A 325 -8.22 7.23 -4.44
C ASP A 325 -7.70 6.96 -5.85
N ASN A 326 -8.43 6.12 -6.59
CA ASN A 326 -7.94 5.66 -7.89
C ASN A 326 -8.05 6.67 -9.02
N TYR A 327 -8.81 7.72 -8.79
CA TYR A 327 -9.15 8.71 -9.82
C TYR A 327 -8.19 9.89 -9.77
N VAL A 328 -7.91 10.41 -8.57
CA VAL A 328 -7.04 11.58 -8.44
C VAL A 328 -5.79 11.28 -7.61
N GLY A 329 -5.62 10.02 -7.22
CA GLY A 329 -4.49 9.69 -6.35
C GLY A 329 -4.52 10.49 -5.05
N ALA A 330 -3.41 11.18 -4.75
CA ALA A 330 -3.31 12.00 -3.56
C ALA A 330 -4.13 13.29 -3.70
N GLY A 331 -4.64 13.54 -4.89
CA GLY A 331 -5.51 14.69 -5.12
C GLY A 331 -4.94 15.72 -6.09
N VAL A 332 -5.67 16.81 -6.28
CA VAL A 332 -5.33 17.84 -7.27
C VAL A 332 -4.14 18.62 -6.75
N ILE A 333 -3.12 18.80 -7.59
CA ILE A 333 -1.90 19.50 -7.13
C ILE A 333 -2.14 20.97 -6.71
N ASP A 334 -1.28 21.47 -5.83
CA ASP A 334 -1.41 22.81 -5.33
C ASP A 334 -0.03 23.40 -5.33
N PRO A 335 0.32 24.06 -6.42
CA PRO A 335 1.69 24.58 -6.59
C PRO A 335 2.17 25.51 -5.46
N VAL A 336 1.36 26.47 -5.04
CA VAL A 336 1.78 27.36 -3.93
C VAL A 336 2.09 26.60 -2.62
N ALA A 337 1.19 25.71 -2.20
CA ALA A 337 1.43 24.85 -1.06
C ALA A 337 2.69 24.02 -1.27
N ALA A 338 2.82 23.41 -2.46
CA ALA A 338 4.00 22.61 -2.77
C ALA A 338 5.31 23.38 -2.61
N LEU A 339 5.24 24.69 -2.81
CA LEU A 339 6.46 25.47 -2.81
C LEU A 339 6.77 26.08 -1.45
N THR A 340 5.77 26.16 -0.58
CA THR A 340 5.91 26.97 0.61
C THR A 340 5.65 26.23 1.90
N TRP A 341 4.94 25.11 1.86
CA TRP A 341 4.64 24.34 3.08
C TRP A 341 5.86 23.66 3.63
N GLU A 342 5.99 23.62 4.95
CA GLU A 342 7.04 22.81 5.49
C GLU A 342 6.49 21.46 5.93
N ILE A 343 7.11 20.41 5.40
CA ILE A 343 6.63 19.06 5.58
C ILE A 343 7.85 18.22 5.93
N PRO A 344 7.66 17.18 6.77
CA PRO A 344 8.79 16.27 6.92
C PRO A 344 9.17 15.76 5.54
N ASP A 345 10.48 15.76 5.24
CA ASP A 345 10.98 15.11 4.04
C ASP A 345 10.71 13.63 4.19
N GLY A 346 10.22 13.00 3.12
CA GLY A 346 9.99 11.57 3.14
C GLY A 346 11.33 10.83 3.15
N PRO A 347 11.31 9.51 2.93
CA PRO A 347 12.59 8.87 2.62
C PRO A 347 13.16 9.48 1.33
N GLU A 348 14.47 9.39 1.16
CA GLU A 348 15.15 9.84 -0.06
C GLU A 348 14.89 8.88 -1.21
N LYS A 349 14.50 7.65 -0.86
CA LYS A 349 14.19 6.60 -1.81
C LYS A 349 12.99 5.82 -1.27
N ALA B 13 13.42 -21.17 34.28
CA ALA B 13 14.54 -20.58 35.08
C ALA B 13 14.87 -19.19 34.51
N ASP B 14 15.54 -19.17 33.37
CA ASP B 14 15.81 -17.96 32.59
C ASP B 14 14.65 -17.67 31.62
N ARG B 15 14.68 -16.50 31.00
CA ARG B 15 13.56 -16.02 30.18
C ARG B 15 13.54 -16.61 28.76
N PRO B 16 12.33 -16.94 28.23
CA PRO B 16 12.24 -17.32 26.81
C PRO B 16 12.78 -16.21 25.89
N TRP B 17 13.31 -16.60 24.74
CA TRP B 17 13.90 -15.60 23.86
C TRP B 17 12.94 -14.49 23.44
N ALA B 18 11.66 -14.84 23.32
CA ALA B 18 10.59 -13.92 22.87
C ALA B 18 10.30 -12.83 23.90
N ASN B 19 10.36 -13.23 25.19
CA ASN B 19 10.32 -12.28 26.32
C ASN B 19 11.42 -11.24 26.26
N ASP B 20 12.63 -11.66 25.91
CA ASP B 20 13.74 -10.71 25.84
C ASP B 20 13.59 -9.86 24.58
N TYR B 21 13.14 -10.50 23.52
CA TYR B 21 13.04 -9.84 22.22
C TYR B 21 11.97 -8.79 22.24
N LEU B 22 10.86 -9.07 22.90
CA LEU B 22 9.75 -8.13 22.94
C LEU B 22 9.80 -7.23 24.17
N ARG B 23 10.88 -7.42 24.95
CA ARG B 23 11.09 -6.68 26.20
C ARG B 23 9.84 -6.71 27.08
N ILE B 24 9.32 -7.91 27.31
CA ILE B 24 8.04 -8.08 27.98
C ILE B 24 8.03 -7.45 29.40
N GLN B 25 9.10 -7.64 30.14
CA GLN B 25 9.17 -7.11 31.50
C GLN B 25 9.04 -5.58 31.49
N GLU B 26 9.75 -4.94 30.57
CA GLU B 26 9.70 -3.50 30.44
C GLU B 26 8.29 -3.03 30.07
N ALA B 27 7.68 -3.71 29.12
CA ALA B 27 6.33 -3.36 28.67
C ALA B 27 5.37 -3.43 29.85
N GLN B 28 5.65 -4.39 30.73
CA GLN B 28 4.77 -4.68 31.84
C GLN B 28 4.80 -3.61 32.97
N LYS B 29 5.78 -2.71 32.93
CA LYS B 29 5.72 -1.55 33.83
C LYS B 29 4.55 -0.65 33.43
N PHE B 30 4.09 -0.77 32.19
CA PHE B 30 3.09 0.17 31.69
C PHE B 30 1.68 -0.40 31.81
N ALA B 31 1.55 -1.73 31.77
CA ALA B 31 0.23 -2.38 31.70
C ALA B 31 0.35 -3.90 31.74
N THR B 32 -0.66 -4.58 32.28
CA THR B 32 -0.57 -6.03 32.50
C THR B 32 -1.85 -6.73 32.05
N GLY B 33 -2.69 -6.02 31.33
CA GLY B 33 -3.94 -6.60 30.89
C GLY B 33 -5.03 -6.66 31.96
N ALA B 34 -4.79 -6.06 33.14
CA ALA B 34 -5.81 -6.07 34.22
C ALA B 34 -7.09 -5.35 33.79
N GLY B 35 -8.23 -6.02 33.97
CA GLY B 35 -9.51 -5.47 33.55
C GLY B 35 -9.86 -5.78 32.10
N VAL B 36 -8.95 -6.44 31.36
CA VAL B 36 -9.21 -6.80 29.94
C VAL B 36 -9.59 -8.27 29.82
N THR B 37 -10.59 -8.56 28.97
CA THR B 37 -10.95 -9.95 28.72
C THR B 37 -10.57 -10.36 27.29
N VAL B 38 -9.79 -11.44 27.18
CA VAL B 38 -9.28 -11.98 25.92
C VAL B 38 -9.92 -13.34 25.63
N ALA B 39 -10.49 -13.47 24.44
CA ALA B 39 -11.03 -14.75 23.99
C ALA B 39 -10.02 -15.43 23.11
N VAL B 40 -9.81 -16.72 23.37
CA VAL B 40 -8.89 -17.52 22.60
C VAL B 40 -9.75 -18.46 21.75
N ILE B 41 -9.74 -18.24 20.45
CA ILE B 41 -10.49 -19.08 19.51
C ILE B 41 -9.46 -20.01 18.87
N ASP B 42 -9.53 -21.28 19.27
CA ASP B 42 -8.38 -22.16 19.07
C ASP B 42 -8.84 -23.61 19.27
N THR B 43 -7.94 -24.47 19.77
CA THR B 43 -8.26 -25.89 19.92
C THR B 43 -8.77 -26.21 21.32
N GLY B 44 -9.22 -25.21 22.07
CA GLY B 44 -9.60 -25.42 23.46
C GLY B 44 -8.40 -25.24 24.39
N VAL B 45 -8.66 -25.16 25.70
CA VAL B 45 -7.59 -24.94 26.65
C VAL B 45 -7.69 -25.88 27.87
N ASN B 46 -6.59 -26.53 28.22
CA ASN B 46 -6.52 -27.27 29.48
C ASN B 46 -6.04 -26.31 30.55
N GLY B 47 -6.99 -25.84 31.37
CA GLY B 47 -6.73 -24.75 32.32
C GLY B 47 -5.91 -25.18 33.52
N SER B 48 -5.28 -24.21 34.17
CA SER B 48 -4.45 -24.44 35.34
C SER B 48 -4.35 -23.10 36.03
N PRO B 49 -3.76 -23.04 37.24
CA PRO B 49 -3.71 -21.74 37.91
C PRO B 49 -2.91 -20.68 37.13
N ARG B 50 -1.91 -21.09 36.38
CA ARG B 50 -1.13 -20.14 35.58
C ARG B 50 -1.78 -19.83 34.19
N VAL B 51 -2.70 -20.69 33.77
CA VAL B 51 -3.49 -20.46 32.57
C VAL B 51 -4.96 -20.58 32.95
N PRO B 52 -5.51 -19.60 33.68
CA PRO B 52 -6.83 -19.86 34.23
C PRO B 52 -7.96 -19.46 33.27
N ALA B 53 -7.98 -20.09 32.10
CA ALA B 53 -9.03 -19.83 31.11
C ALA B 53 -10.40 -20.29 31.63
N GLU B 54 -11.46 -19.71 31.09
CA GLU B 54 -12.80 -20.05 31.44
C GLU B 54 -13.53 -20.46 30.18
N PRO B 55 -14.63 -21.21 30.33
CA PRO B 55 -15.26 -21.81 29.16
C PRO B 55 -15.98 -20.77 28.34
N GLY B 56 -15.72 -20.78 27.04
CA GLY B 56 -16.39 -19.87 26.13
C GLY B 56 -17.10 -20.63 25.03
N GLY B 57 -17.18 -21.95 25.18
CA GLY B 57 -17.95 -22.78 24.26
C GLY B 57 -17.11 -23.68 23.38
N ASP B 58 -17.77 -24.67 22.78
CA ASP B 58 -17.12 -25.65 21.92
C ASP B 58 -17.88 -25.69 20.61
N PHE B 59 -17.23 -25.26 19.53
CA PHE B 59 -17.91 -25.12 18.24
C PHE B 59 -17.54 -26.25 17.31
N VAL B 60 -16.87 -27.26 17.88
CA VAL B 60 -16.50 -28.49 17.20
C VAL B 60 -17.38 -29.62 17.77
N ASP B 61 -17.35 -29.80 19.10
CA ASP B 61 -18.08 -30.86 19.78
C ASP B 61 -19.08 -30.22 20.73
N ALA B 62 -20.36 -30.31 20.38
CA ALA B 62 -21.43 -29.58 21.05
C ALA B 62 -21.60 -29.95 22.54
N ALA B 63 -20.97 -31.04 22.96
CA ALA B 63 -20.97 -31.43 24.36
C ALA B 63 -19.91 -30.71 25.20
N GLY B 64 -18.85 -30.21 24.55
CA GLY B 64 -17.72 -29.57 25.26
C GLY B 64 -18.00 -28.12 25.60
N ASN B 65 -17.06 -27.45 26.25
CA ASN B 65 -17.19 -26.01 26.57
C ASN B 65 -15.94 -25.15 26.29
N GLY B 66 -15.00 -25.66 25.52
CA GLY B 66 -13.76 -24.94 25.24
C GLY B 66 -12.63 -25.24 26.21
N MET B 67 -12.95 -25.91 27.32
CA MET B 67 -11.97 -26.18 28.38
C MET B 67 -11.26 -27.51 28.19
N SER B 68 -11.20 -28.00 26.96
CA SER B 68 -10.52 -29.25 26.68
C SER B 68 -9.63 -29.17 25.42
N ASP B 69 -8.32 -29.27 25.62
CA ASP B 69 -7.39 -29.21 24.49
C ASP B 69 -6.87 -30.63 24.16
N CYS B 70 -7.28 -31.12 22.99
CA CYS B 70 -6.79 -32.40 22.47
C CYS B 70 -5.73 -32.19 21.43
N ASP B 71 -5.30 -30.95 21.26
CA ASP B 71 -4.39 -30.68 20.17
C ASP B 71 -3.08 -30.08 20.56
N ALA B 72 -2.81 -29.99 21.86
CA ALA B 72 -1.54 -29.40 22.35
C ALA B 72 -1.35 -28.08 21.61
N HIS B 73 -2.32 -27.19 21.76
CA HIS B 73 -2.25 -25.95 20.98
C HIS B 73 -2.84 -24.77 21.71
N GLY B 74 -4.17 -24.67 21.73
CA GLY B 74 -4.86 -23.59 22.42
C GLY B 74 -4.31 -23.31 23.80
N THR B 75 -4.00 -24.38 24.54
CA THR B 75 -3.45 -24.25 25.88
C THR B 75 -2.25 -23.30 25.86
N MET B 76 -1.34 -23.52 24.92
CA MET B 76 -0.13 -22.73 24.79
C MET B 76 -0.41 -21.33 24.26
N THR B 77 -1.37 -21.21 23.37
CA THR B 77 -1.74 -19.90 22.85
C THR B 77 -2.20 -19.04 24.03
N ALA B 78 -3.12 -19.58 24.83
CA ALA B 78 -3.67 -18.86 25.95
C ALA B 78 -2.57 -18.47 26.93
N ALA B 79 -1.57 -19.34 27.07
CA ALA B 79 -0.47 -19.08 28.00
C ALA B 79 0.44 -17.96 27.48
N ILE B 80 0.63 -17.90 26.17
CA ILE B 80 1.44 -16.81 25.63
C ILE B 80 0.74 -15.46 25.86
N ILE B 81 -0.59 -15.46 25.72
CA ILE B 81 -1.38 -14.25 25.91
C ILE B 81 -1.39 -13.82 27.39
N GLY B 82 -1.76 -14.76 28.27
CA GLY B 82 -2.12 -14.40 29.63
C GLY B 82 -1.49 -15.21 30.74
N GLY B 83 -0.57 -16.11 30.40
CA GLY B 83 0.05 -16.99 31.40
C GLY B 83 0.64 -16.24 32.60
N ARG B 84 0.25 -16.66 33.80
CA ARG B 84 0.76 -16.05 35.02
C ARG B 84 2.24 -16.37 35.28
N PRO B 85 2.97 -15.43 35.94
CA PRO B 85 4.40 -15.67 36.32
C PRO B 85 4.52 -16.73 37.44
N SER B 86 5.76 -17.12 37.73
CA SER B 86 6.05 -18.10 38.77
C SER B 86 7.42 -17.79 39.37
N PRO B 87 7.56 -17.94 40.70
CA PRO B 87 8.87 -17.70 41.32
C PRO B 87 9.95 -18.70 40.84
N THR B 88 9.55 -19.85 40.31
CA THR B 88 10.52 -20.87 39.93
C THR B 88 10.83 -21.01 38.43
N ASP B 89 10.34 -20.11 37.59
CA ASP B 89 10.78 -20.09 36.18
C ASP B 89 10.66 -18.69 35.60
N GLY B 90 11.23 -18.49 34.41
CA GLY B 90 11.17 -17.18 33.78
C GLY B 90 10.04 -16.99 32.79
N PHE B 91 9.10 -17.94 32.72
CA PHE B 91 7.98 -17.74 31.79
C PHE B 91 6.92 -16.81 32.33
N VAL B 92 6.49 -15.89 31.48
CA VAL B 92 5.28 -15.15 31.74
C VAL B 92 4.68 -14.76 30.39
N GLY B 93 3.34 -14.78 30.32
CA GLY B 93 2.60 -14.27 29.17
C GLY B 93 2.75 -12.76 28.99
N MET B 94 2.29 -12.25 27.86
CA MET B 94 2.41 -10.85 27.55
C MET B 94 1.54 -10.02 28.50
N ALA B 95 0.36 -10.54 28.79
CA ALA B 95 -0.62 -9.82 29.59
C ALA B 95 -1.12 -10.72 30.76
N PRO B 96 -0.29 -10.88 31.80
CA PRO B 96 -0.58 -11.86 32.86
C PRO B 96 -1.80 -11.57 33.74
N ASP B 97 -2.42 -10.40 33.60
CA ASP B 97 -3.64 -10.15 34.37
C ASP B 97 -4.94 -10.27 33.55
N VAL B 98 -4.87 -10.62 32.28
CA VAL B 98 -6.13 -10.68 31.54
C VAL B 98 -7.00 -11.79 32.04
N ARG B 99 -8.28 -11.69 31.72
CA ARG B 99 -9.20 -12.75 31.88
C ARG B 99 -9.12 -13.52 30.55
N LEU B 100 -9.12 -14.85 30.62
CA LEU B 100 -9.01 -15.67 29.41
C LEU B 100 -10.30 -16.47 29.16
N LEU B 101 -10.81 -16.39 27.93
CA LEU B 101 -11.96 -17.18 27.54
C LEU B 101 -11.57 -18.09 26.41
N SER B 102 -11.91 -19.38 26.54
CA SER B 102 -11.50 -20.37 25.56
C SER B 102 -12.67 -20.86 24.77
N LEU B 103 -12.61 -20.63 23.47
CA LEU B 103 -13.62 -21.14 22.58
C LEU B 103 -12.90 -22.12 21.68
N ARG B 104 -13.27 -23.39 21.74
CA ARG B 104 -12.77 -24.36 20.76
C ARG B 104 -13.55 -24.30 19.44
N GLN B 105 -12.84 -24.09 18.35
CA GLN B 105 -13.44 -23.87 17.06
C GLN B 105 -12.73 -24.75 16.04
N THR B 106 -11.57 -25.27 16.39
CA THR B 106 -10.84 -26.09 15.45
C THR B 106 -10.17 -27.30 16.13
N SER B 107 -10.00 -28.40 15.41
CA SER B 107 -9.30 -29.59 15.94
C SER B 107 -8.91 -30.59 14.86
N VAL B 108 -7.72 -31.17 14.99
CA VAL B 108 -7.23 -32.21 14.07
C VAL B 108 -7.11 -33.54 14.81
N THR B 127 -13.74 -26.20 3.96
CA THR B 127 -13.44 -24.77 3.93
C THR B 127 -14.61 -23.95 4.42
N ALA B 128 -15.77 -24.11 3.77
CA ALA B 128 -16.97 -23.38 4.14
C ALA B 128 -17.48 -23.78 5.53
N GLY B 129 -17.14 -25.00 5.95
CA GLY B 129 -17.49 -25.48 7.29
C GLY B 129 -16.69 -24.74 8.34
N SER B 130 -15.41 -24.51 8.04
CA SER B 130 -14.56 -23.69 8.89
C SER B 130 -15.05 -22.24 9.02
N ILE B 131 -15.27 -21.57 7.88
CA ILE B 131 -15.79 -20.19 7.84
C ILE B 131 -17.03 -20.06 8.73
N ARG B 132 -17.92 -21.04 8.63
CA ARG B 132 -19.18 -21.10 9.36
C ARG B 132 -19.02 -21.11 10.89
N SER B 133 -18.19 -22.03 11.39
CA SER B 133 -17.99 -22.16 12.83
C SER B 133 -17.19 -20.97 13.39
N LEU B 134 -16.24 -20.47 12.60
CA LEU B 134 -15.44 -19.32 12.97
C LEU B 134 -16.32 -18.10 13.13
N ALA B 135 -17.18 -17.88 12.14
CA ALA B 135 -18.20 -16.84 12.20
C ALA B 135 -19.03 -16.96 13.47
N ARG B 136 -19.46 -18.16 13.82
CA ARG B 136 -20.27 -18.30 15.04
C ARG B 136 -19.43 -18.02 16.29
N SER B 137 -18.18 -18.48 16.29
CA SER B 137 -17.36 -18.31 17.50
C SER B 137 -16.97 -16.82 17.69
N VAL B 138 -16.80 -16.09 16.59
CA VAL B 138 -16.49 -14.65 16.69
C VAL B 138 -17.65 -13.86 17.29
N VAL B 139 -18.86 -14.05 16.77
CA VAL B 139 -20.05 -13.43 17.33
C VAL B 139 -20.17 -13.79 18.81
N HIS B 140 -20.01 -15.08 19.11
CA HIS B 140 -20.14 -15.53 20.47
C HIS B 140 -19.09 -14.93 21.40
N ALA B 141 -17.84 -14.86 20.96
CA ALA B 141 -16.80 -14.26 21.81
C ALA B 141 -17.13 -12.82 22.16
N ALA B 142 -17.52 -12.02 21.16
CA ALA B 142 -17.93 -10.63 21.36
C ALA B 142 -19.07 -10.52 22.35
N ASN B 143 -20.07 -11.40 22.21
CA ASN B 143 -21.21 -11.36 23.11
C ASN B 143 -20.85 -11.74 24.53
N LEU B 144 -19.80 -12.54 24.67
CA LEU B 144 -19.26 -12.83 25.99
C LEU B 144 -18.49 -11.66 26.60
N GLY B 145 -18.26 -10.60 25.82
CA GLY B 145 -17.62 -9.40 26.38
C GLY B 145 -16.11 -9.40 26.25
N ALA B 146 -15.57 -10.27 25.38
CA ALA B 146 -14.17 -10.21 25.01
C ALA B 146 -13.81 -8.87 24.33
N GLN B 147 -12.72 -8.25 24.77
CA GLN B 147 -12.22 -7.03 24.13
C GLN B 147 -11.14 -7.30 23.11
N VAL B 148 -10.53 -8.48 23.21
CA VAL B 148 -9.51 -8.94 22.31
C VAL B 148 -9.85 -10.39 21.95
N ILE B 149 -9.69 -10.73 20.68
CA ILE B 149 -10.08 -12.02 20.17
C ILE B 149 -8.92 -12.47 19.32
N ASN B 150 -8.26 -13.55 19.77
CA ASN B 150 -7.18 -14.22 19.02
C ASN B 150 -7.77 -15.37 18.20
N ILE B 151 -7.45 -15.42 16.93
CA ILE B 151 -7.97 -16.47 16.08
C ILE B 151 -6.83 -17.28 15.48
N SER B 152 -6.83 -18.58 15.75
CA SER B 152 -5.78 -19.47 15.24
C SER B 152 -6.04 -19.95 13.80
N GLU B 153 -7.32 -19.97 13.45
CA GLU B 153 -7.79 -20.42 12.15
C GLU B 153 -7.26 -19.63 10.96
N ALA B 154 -6.75 -20.35 9.98
CA ALA B 154 -6.27 -19.75 8.74
C ALA B 154 -6.70 -20.59 7.53
N ALA B 155 -7.98 -20.54 7.18
CA ALA B 155 -8.51 -21.29 6.03
C ALA B 155 -7.92 -20.74 4.72
N CYS B 156 -7.28 -21.63 3.98
CA CYS B 156 -6.60 -21.31 2.73
C CYS B 156 -7.39 -21.82 1.53
N TYR B 157 -7.46 -21.02 0.49
CA TYR B 157 -7.97 -21.52 -0.77
C TYR B 157 -7.34 -20.85 -1.97
N LYS B 158 -7.40 -21.55 -3.11
CA LYS B 158 -6.84 -21.03 -4.35
C LYS B 158 -7.53 -19.72 -4.71
N VAL B 159 -6.76 -18.82 -5.29
CA VAL B 159 -7.24 -17.48 -5.57
C VAL B 159 -8.37 -17.54 -6.62
N THR B 160 -8.28 -18.53 -7.51
CA THR B 160 -9.28 -18.77 -8.58
C THR B 160 -10.61 -19.30 -8.07
N ARG B 161 -10.73 -19.44 -6.76
CA ARG B 161 -11.90 -20.06 -6.16
C ARG B 161 -12.74 -19.01 -5.46
N ARG B 162 -14.07 -19.15 -5.52
CA ARG B 162 -15.00 -18.20 -4.90
C ARG B 162 -15.79 -18.85 -3.77
N ILE B 163 -15.52 -18.44 -2.53
CA ILE B 163 -16.24 -18.94 -1.37
C ILE B 163 -17.11 -17.83 -0.82
N ASP B 164 -18.32 -18.17 -0.41
CA ASP B 164 -19.18 -17.24 0.29
C ASP B 164 -18.67 -17.07 1.74
N GLU B 165 -18.20 -15.87 2.09
CA GLU B 165 -17.60 -15.62 3.41
C GLU B 165 -18.39 -14.58 4.17
N THR B 166 -19.61 -14.33 3.70
CA THR B 166 -20.34 -13.17 4.13
C THR B 166 -20.77 -13.23 5.59
N SER B 167 -21.01 -14.42 6.12
CA SER B 167 -21.37 -14.52 7.54
C SER B 167 -20.16 -14.21 8.43
N LEU B 168 -18.97 -14.65 7.99
CA LEU B 168 -17.73 -14.29 8.67
C LEU B 168 -17.48 -12.76 8.63
N GLY B 169 -17.51 -12.18 7.44
CA GLY B 169 -17.42 -10.74 7.29
C GLY B 169 -18.43 -10.05 8.17
N ALA B 170 -19.65 -10.58 8.23
CA ALA B 170 -20.70 -10.00 9.10
C ALA B 170 -20.34 -10.18 10.59
N ALA B 171 -19.75 -11.32 10.91
CA ALA B 171 -19.33 -11.61 12.30
C ALA B 171 -18.26 -10.64 12.76
N ILE B 172 -17.22 -10.50 11.92
CA ILE B 172 -16.06 -9.67 12.22
C ILE B 172 -16.56 -8.24 12.33
N ASN B 173 -17.47 -7.88 11.43
CA ASN B 173 -18.04 -6.55 11.46
C ASN B 173 -18.82 -6.25 12.72
N TYR B 174 -19.57 -7.23 13.17
CA TYR B 174 -20.31 -7.08 14.42
C TYR B 174 -19.32 -6.93 15.59
N ALA B 175 -18.36 -7.85 15.66
CA ALA B 175 -17.42 -7.91 16.78
C ALA B 175 -16.63 -6.61 16.93
N VAL B 176 -16.11 -6.13 15.81
CA VAL B 176 -15.25 -4.94 15.75
C VAL B 176 -16.07 -3.66 15.87
N ASN B 177 -17.00 -3.43 14.94
CA ASN B 177 -17.70 -2.14 14.85
C ASN B 177 -18.83 -1.93 15.83
N VAL B 178 -19.49 -3.00 16.25
CA VAL B 178 -20.54 -2.86 17.26
C VAL B 178 -19.98 -3.10 18.66
N LYS B 179 -19.31 -4.23 18.83
CA LYS B 179 -18.88 -4.60 20.17
C LYS B 179 -17.52 -4.06 20.57
N GLY B 180 -16.84 -3.39 19.65
CA GLY B 180 -15.60 -2.71 19.95
C GLY B 180 -14.41 -3.61 20.28
N ALA B 181 -14.32 -4.79 19.66
CA ALA B 181 -13.24 -5.72 19.97
C ALA B 181 -12.11 -5.70 18.95
N VAL B 182 -10.89 -5.86 19.44
CA VAL B 182 -9.75 -6.02 18.54
C VAL B 182 -9.60 -7.51 18.21
N ILE B 183 -9.54 -7.83 16.93
CA ILE B 183 -9.39 -9.19 16.51
C ILE B 183 -8.00 -9.35 15.90
N VAL B 184 -7.27 -10.35 16.39
CA VAL B 184 -5.91 -10.61 15.96
C VAL B 184 -5.95 -12.05 15.46
N VAL B 185 -5.36 -12.29 14.30
CA VAL B 185 -5.53 -13.58 13.62
C VAL B 185 -4.19 -14.01 13.06
N ALA B 186 -3.96 -15.31 13.02
CA ALA B 186 -2.70 -15.84 12.50
C ALA B 186 -2.56 -15.58 10.99
N ALA B 187 -1.35 -15.32 10.51
CA ALA B 187 -1.17 -15.25 9.07
C ALA B 187 -1.43 -16.62 8.43
N GLY B 188 -1.27 -17.68 9.24
CA GLY B 188 -1.38 -19.07 8.76
C GLY B 188 -0.04 -19.69 8.49
N ASN B 189 0.04 -21.01 8.58
CA ASN B 189 1.26 -21.74 8.28
C ASN B 189 1.17 -22.47 6.95
N THR B 190 2.27 -22.46 6.20
CA THR B 190 2.40 -23.31 5.02
C THR B 190 2.20 -24.78 5.40
N GLY B 191 1.65 -25.54 4.46
CA GLY B 191 1.32 -26.94 4.69
C GLY B 191 0.56 -27.42 3.47
N GLN B 192 0.00 -28.61 3.53
CA GLN B 192 -0.63 -29.16 2.34
C GLN B 192 -1.75 -28.27 1.80
N ASP B 193 -2.60 -27.77 2.67
CA ASP B 193 -3.66 -26.86 2.24
C ASP B 193 -3.15 -25.47 1.84
N CYS B 194 -2.18 -24.94 2.60
CA CYS B 194 -1.72 -23.58 2.39
C CYS B 194 -0.44 -23.51 1.62
N SER B 195 -0.56 -23.10 0.39
CA SER B 195 0.60 -22.99 -0.44
C SER B 195 1.16 -21.56 -0.35
N GLN B 196 2.44 -21.43 -0.06
CA GLN B 196 3.05 -20.13 0.08
C GLN B 196 2.76 -19.21 -1.10
N ASN B 197 2.40 -17.96 -0.82
CA ASN B 197 2.25 -16.94 -1.85
C ASN B 197 3.59 -16.43 -2.32
N PRO B 198 3.79 -16.29 -3.64
CA PRO B 198 5.04 -15.72 -4.17
C PRO B 198 5.20 -14.26 -3.74
N PRO B 199 6.44 -13.75 -3.66
CA PRO B 199 6.65 -12.36 -3.23
C PRO B 199 6.05 -11.36 -4.21
N PRO B 200 5.75 -10.14 -3.75
CA PRO B 200 5.37 -9.11 -4.72
C PRO B 200 6.48 -8.91 -5.76
N ASP B 201 6.09 -8.54 -6.97
CA ASP B 201 7.08 -8.27 -8.01
C ASP B 201 7.63 -6.86 -7.85
N PRO B 202 8.94 -6.75 -7.55
CA PRO B 202 9.55 -5.44 -7.26
C PRO B 202 9.54 -4.52 -8.47
N SER B 203 9.36 -5.07 -9.66
CA SER B 203 9.30 -4.25 -10.87
C SER B 203 7.92 -3.64 -11.12
N VAL B 204 6.99 -3.78 -10.17
CA VAL B 204 5.68 -3.14 -10.33
C VAL B 204 5.43 -2.29 -9.07
N PRO B 205 6.00 -1.06 -9.03
CA PRO B 205 5.90 -0.20 -7.84
C PRO B 205 4.45 0.01 -7.34
N SER B 206 3.46 -0.05 -8.23
CA SER B 206 2.08 0.21 -7.86
C SER B 206 1.38 -0.99 -7.21
N ASP B 207 2.04 -2.14 -7.21
CA ASP B 207 1.48 -3.31 -6.54
C ASP B 207 2.47 -3.76 -5.45
N PRO B 208 2.75 -2.86 -4.47
CA PRO B 208 3.78 -3.19 -3.48
C PRO B 208 3.39 -4.37 -2.58
N ARG B 209 2.11 -4.70 -2.49
CA ARG B 209 1.72 -5.84 -1.68
C ARG B 209 1.48 -7.11 -2.53
N GLY B 210 1.90 -7.06 -3.80
CA GLY B 210 1.79 -8.19 -4.73
C GLY B 210 0.42 -8.83 -4.99
N TRP B 211 -0.66 -8.05 -5.07
CA TRP B 211 -1.96 -8.66 -5.39
C TRP B 211 -1.97 -9.52 -6.65
N ARG B 212 -1.17 -9.14 -7.65
CA ARG B 212 -1.19 -9.85 -8.91
C ARG B 212 -0.51 -11.20 -8.78
N GLU B 213 0.25 -11.41 -7.70
CA GLU B 213 1.03 -12.65 -7.49
C GLU B 213 0.32 -13.66 -6.59
N VAL B 214 -0.74 -13.20 -5.93
CA VAL B 214 -1.43 -14.00 -4.94
C VAL B 214 -2.04 -15.27 -5.55
N GLN B 215 -1.71 -16.43 -4.98
CA GLN B 215 -2.27 -17.70 -5.43
C GLN B 215 -3.14 -18.35 -4.36
N THR B 216 -2.94 -17.96 -3.11
CA THR B 216 -3.70 -18.53 -1.99
C THR B 216 -4.35 -17.43 -1.17
N ILE B 217 -5.64 -17.55 -0.97
CA ILE B 217 -6.36 -16.65 -0.09
C ILE B 217 -6.38 -17.27 1.31
N VAL B 218 -5.96 -16.49 2.31
CA VAL B 218 -5.98 -16.97 3.69
C VAL B 218 -7.06 -16.19 4.44
N SER B 219 -7.98 -16.89 5.09
CA SER B 219 -9.06 -16.24 5.80
C SER B 219 -9.07 -16.72 7.25
N PRO B 220 -9.30 -15.82 8.22
CA PRO B 220 -9.61 -14.38 8.14
C PRO B 220 -8.42 -13.45 7.96
N ALA B 221 -7.24 -14.00 7.66
CA ALA B 221 -6.07 -13.16 7.42
C ALA B 221 -6.36 -11.95 6.49
N TRP B 222 -7.19 -12.15 5.47
CA TRP B 222 -7.39 -11.11 4.44
C TRP B 222 -8.25 -9.94 4.86
N TYR B 223 -8.87 -10.03 6.04
CA TYR B 223 -9.62 -8.91 6.59
C TYR B 223 -8.76 -7.80 7.21
N ASP B 224 -7.45 -7.99 7.22
CA ASP B 224 -6.55 -6.95 7.73
C ASP B 224 -6.68 -5.71 6.82
N PRO B 225 -6.79 -4.48 7.38
CA PRO B 225 -6.54 -4.12 8.77
C PRO B 225 -7.77 -4.02 9.65
N LEU B 226 -8.93 -4.43 9.17
CA LEU B 226 -10.10 -4.42 10.04
C LEU B 226 -9.81 -5.31 11.27
N VAL B 227 -9.16 -6.44 11.01
CA VAL B 227 -8.53 -7.30 12.03
C VAL B 227 -7.02 -7.10 11.88
N LEU B 228 -6.22 -7.60 12.83
CA LEU B 228 -4.75 -7.53 12.68
C LEU B 228 -4.16 -8.91 12.44
N THR B 229 -3.49 -9.06 11.29
CA THR B 229 -3.00 -10.34 10.82
C THR B 229 -1.53 -10.42 11.10
N VAL B 230 -1.11 -11.53 11.72
CA VAL B 230 0.25 -11.59 12.31
C VAL B 230 1.08 -12.74 11.78
N GLY B 231 2.19 -12.40 11.16
CA GLY B 231 3.14 -13.38 10.68
C GLY B 231 4.17 -13.75 11.74
N SER B 232 4.99 -14.74 11.41
CA SER B 232 5.93 -15.26 12.38
C SER B 232 7.37 -14.90 12.03
N ILE B 233 8.17 -14.60 13.05
CA ILE B 233 9.60 -14.47 12.88
C ILE B 233 10.33 -15.44 13.78
N GLY B 234 11.53 -15.85 13.36
CA GLY B 234 12.41 -16.72 14.15
C GLY B 234 13.32 -15.91 15.02
N GLN B 235 14.15 -16.60 15.81
CA GLN B 235 15.08 -15.98 16.77
C GLN B 235 16.04 -14.96 16.18
N ASN B 236 16.38 -15.13 14.89
CA ASN B 236 17.26 -14.21 14.17
C ASN B 236 16.55 -12.97 13.63
N GLY B 237 15.27 -12.81 13.94
CA GLY B 237 14.50 -11.67 13.46
C GLY B 237 13.99 -11.80 12.03
N GLN B 238 14.26 -12.92 11.35
CA GLN B 238 13.77 -13.12 9.96
C GLN B 238 12.40 -13.82 9.93
N PRO B 239 11.60 -13.58 8.88
CA PRO B 239 10.35 -14.31 8.70
C PRO B 239 10.58 -15.82 8.77
N SER B 240 9.72 -16.53 9.49
CA SER B 240 9.79 -17.97 9.54
C SER B 240 9.36 -18.51 8.18
N ASN B 241 10.02 -19.54 7.67
CA ASN B 241 9.68 -20.07 6.35
C ASN B 241 8.33 -20.77 6.24
N PHE B 242 7.72 -21.11 7.38
CA PHE B 242 6.34 -21.61 7.39
C PHE B 242 5.29 -20.48 7.40
N SER B 243 5.72 -19.22 7.62
CA SER B 243 4.77 -18.09 7.74
C SER B 243 4.11 -17.70 6.42
N MET B 244 2.79 -17.81 6.33
CA MET B 244 2.09 -17.43 5.09
C MET B 244 2.20 -15.94 4.80
N SER B 245 2.86 -15.60 3.69
CA SER B 245 2.93 -14.22 3.25
C SER B 245 1.69 -13.82 2.43
N GLY B 246 1.47 -12.53 2.37
CA GLY B 246 0.40 -11.97 1.53
C GLY B 246 0.18 -10.48 1.75
N PRO B 247 -0.65 -9.88 0.90
CA PRO B 247 -0.91 -8.45 0.92
C PRO B 247 -1.69 -8.01 2.14
N TRP B 248 -2.14 -8.95 2.98
CA TRP B 248 -2.96 -8.62 4.13
C TRP B 248 -2.17 -8.74 5.41
N VAL B 249 -0.93 -9.21 5.35
CA VAL B 249 -0.12 -9.35 6.60
C VAL B 249 0.09 -7.94 7.20
N GLY B 250 -0.26 -7.76 8.47
CA GLY B 250 -0.23 -6.46 9.16
C GLY B 250 0.91 -6.21 10.16
N ALA B 251 1.32 -7.25 10.87
CA ALA B 251 2.43 -7.16 11.82
C ALA B 251 3.09 -8.53 11.95
N ALA B 252 4.13 -8.61 12.77
CA ALA B 252 4.77 -9.91 13.06
C ALA B 252 5.16 -10.04 14.55
N ALA B 253 5.45 -11.27 14.96
CA ALA B 253 5.85 -11.57 16.33
C ALA B 253 6.56 -12.93 16.39
N PRO B 254 7.42 -13.15 17.40
CA PRO B 254 8.06 -14.46 17.55
C PRO B 254 7.09 -15.63 17.39
N GLY B 255 7.43 -16.61 16.56
CA GLY B 255 6.60 -17.81 16.43
C GLY B 255 7.31 -19.14 16.38
N GLU B 256 8.65 -19.10 16.50
CA GLU B 256 9.52 -20.27 16.41
C GLU B 256 10.26 -20.50 17.73
N ASN B 257 10.47 -21.77 18.09
CA ASN B 257 11.33 -22.16 19.20
C ASN B 257 10.91 -21.48 20.47
N LEU B 258 9.61 -21.46 20.68
CA LEU B 258 8.98 -20.76 21.78
C LEU B 258 8.86 -21.63 23.03
N THR B 259 8.62 -20.98 24.16
CA THR B 259 8.34 -21.65 25.43
C THR B 259 7.06 -21.08 26.03
N SER B 260 6.09 -21.95 26.29
CA SER B 260 4.82 -21.51 26.85
C SER B 260 4.52 -22.30 28.11
N LEU B 261 3.25 -22.59 28.31
CA LEU B 261 2.79 -23.40 29.44
C LEU B 261 2.06 -24.64 28.93
N GLY B 262 2.23 -25.74 29.65
CA GLY B 262 1.63 -27.02 29.25
C GLY B 262 0.34 -27.29 29.98
N TYR B 263 -0.14 -28.53 29.85
CA TYR B 263 -1.44 -28.98 30.37
C TYR B 263 -1.50 -28.93 31.91
N ASP B 264 -0.35 -28.82 32.55
CA ASP B 264 -0.31 -28.75 34.01
C ASP B 264 0.19 -27.37 34.46
N GLY B 265 0.07 -26.37 33.58
CA GLY B 265 0.49 -25.03 33.89
C GLY B 265 1.99 -24.86 34.05
N GLN B 266 2.75 -25.82 33.56
CA GLN B 266 4.20 -25.84 33.73
C GLN B 266 4.86 -25.44 32.41
N PRO B 267 6.11 -24.94 32.46
CA PRO B 267 6.81 -24.61 31.20
C PRO B 267 6.99 -25.79 30.27
N VAL B 268 6.89 -25.51 28.97
CA VAL B 268 7.12 -26.51 27.93
C VAL B 268 7.70 -25.82 26.70
N ASN B 269 8.45 -26.56 25.89
CA ASN B 269 9.11 -25.98 24.73
C ASN B 269 9.18 -26.94 23.56
N ALA B 270 8.32 -27.95 23.54
CA ALA B 270 8.33 -28.90 22.43
C ALA B 270 7.30 -30.01 22.58
N THR B 271 6.70 -30.39 21.46
CA THR B 271 5.75 -31.49 21.46
C THR B 271 6.46 -32.75 20.98
N PRO B 272 6.19 -33.89 21.61
CA PRO B 272 6.91 -35.11 21.26
C PRO B 272 6.32 -35.70 19.98
N GLY B 273 6.94 -35.38 18.84
CA GLY B 273 6.66 -36.05 17.57
C GLY B 273 7.39 -37.39 17.48
N GLU B 274 6.89 -38.25 16.60
CA GLU B 274 7.42 -39.61 16.45
C GLU B 274 8.88 -39.63 15.97
N ASP B 275 9.27 -38.61 15.19
CA ASP B 275 10.62 -38.54 14.63
C ASP B 275 11.55 -37.81 15.58
N GLY B 276 11.00 -37.39 16.71
CA GLY B 276 11.73 -36.61 17.69
C GLY B 276 10.88 -35.44 18.14
N PRO B 277 11.43 -34.64 19.07
CA PRO B 277 10.76 -33.49 19.67
C PRO B 277 10.67 -32.30 18.70
N VAL B 278 9.45 -31.79 18.51
CA VAL B 278 9.15 -30.64 17.64
C VAL B 278 9.01 -29.36 18.48
N PRO B 279 9.81 -28.31 18.16
CA PRO B 279 9.74 -27.02 18.87
C PRO B 279 8.36 -26.35 18.76
N LEU B 280 8.10 -25.35 19.61
CA LEU B 280 6.80 -24.68 19.58
C LEU B 280 6.82 -23.58 18.54
N ASN B 281 6.18 -23.88 17.42
CA ASN B 281 6.21 -23.06 16.22
C ASN B 281 4.79 -22.79 15.72
N GLY B 282 4.52 -21.58 15.23
CA GLY B 282 3.21 -21.36 14.60
C GLY B 282 2.78 -19.91 14.64
N THR B 283 2.08 -19.48 13.58
CA THR B 283 1.70 -18.09 13.45
C THR B 283 0.58 -17.77 14.41
N SER B 284 -0.09 -18.80 14.92
CA SER B 284 -1.11 -18.58 15.94
C SER B 284 -0.46 -18.19 17.27
N PHE B 285 0.79 -18.63 17.48
CA PHE B 285 1.57 -18.22 18.66
C PHE B 285 2.09 -16.77 18.49
N SER B 286 2.55 -16.43 17.29
CA SER B 286 2.80 -15.05 16.92
C SER B 286 1.61 -14.16 17.20
N ALA B 287 0.42 -14.55 16.73
CA ALA B 287 -0.78 -13.75 16.92
C ALA B 287 -1.02 -13.55 18.41
N ALA B 288 -0.80 -14.62 19.18
CA ALA B 288 -1.01 -14.57 20.61
C ALA B 288 -0.19 -13.45 21.26
N TYR B 289 1.06 -13.30 20.85
CA TYR B 289 1.86 -12.23 21.37
C TYR B 289 1.16 -10.90 21.14
N VAL B 290 0.59 -10.75 19.95
CA VAL B 290 -0.02 -9.48 19.54
C VAL B 290 -1.36 -9.28 20.23
N SER B 291 -2.11 -10.37 20.43
CA SER B 291 -3.31 -10.30 21.24
C SER B 291 -2.97 -9.81 22.64
N GLY B 292 -1.85 -10.31 23.18
CA GLY B 292 -1.35 -9.86 24.49
C GLY B 292 -1.10 -8.37 24.51
N LEU B 293 -0.41 -7.87 23.50
CA LEU B 293 -0.08 -6.46 23.41
C LEU B 293 -1.35 -5.63 23.27
N ALA B 294 -2.29 -6.08 22.45
CA ALA B 294 -3.56 -5.36 22.34
C ALA B 294 -4.26 -5.23 23.71
N ALA B 295 -4.17 -6.28 24.55
CA ALA B 295 -4.76 -6.23 25.91
C ALA B 295 -4.03 -5.20 26.77
N LEU B 296 -2.70 -5.16 26.65
CA LEU B 296 -1.87 -4.15 27.31
C LEU B 296 -2.27 -2.73 26.90
N VAL B 297 -2.37 -2.48 25.60
CA VAL B 297 -2.78 -1.18 25.07
C VAL B 297 -4.20 -0.76 25.53
N LYS B 298 -5.10 -1.73 25.52
CA LYS B 298 -6.49 -1.54 25.88
C LYS B 298 -6.64 -1.10 27.34
N GLN B 299 -5.85 -1.71 28.23
CA GLN B 299 -5.81 -1.32 29.63
C GLN B 299 -5.28 0.12 29.76
N ARG B 300 -4.12 0.37 29.14
CA ARG B 300 -3.43 1.67 29.24
C ARG B 300 -4.25 2.80 28.60
N PHE B 301 -4.89 2.52 27.48
CA PHE B 301 -5.65 3.52 26.74
C PHE B 301 -7.11 3.10 26.51
N PRO B 302 -7.92 3.09 27.60
CA PRO B 302 -9.27 2.51 27.56
C PRO B 302 -10.25 3.18 26.58
N ASP B 303 -9.89 4.35 26.06
CA ASP B 303 -10.74 5.11 25.13
C ASP B 303 -10.58 4.73 23.69
N LEU B 304 -9.51 4.01 23.35
CA LEU B 304 -9.22 3.75 21.96
C LEU B 304 -10.19 2.73 21.37
N THR B 305 -10.60 2.97 20.13
CA THR B 305 -11.40 2.01 19.40
C THR B 305 -10.46 0.91 18.83
N PRO B 306 -11.02 -0.21 18.36
CA PRO B 306 -10.19 -1.22 17.72
C PRO B 306 -9.28 -0.68 16.63
N ALA B 307 -9.84 0.14 15.74
CA ALA B 307 -9.06 0.75 14.65
C ALA B 307 -7.84 1.53 15.20
N GLN B 308 -8.06 2.30 16.25
CA GLN B 308 -6.95 3.05 16.87
C GLN B 308 -5.94 2.14 17.56
N ILE B 309 -6.42 1.07 18.19
CA ILE B 309 -5.48 0.10 18.79
C ILE B 309 -4.64 -0.58 17.71
N ILE B 310 -5.28 -0.99 16.63
CA ILE B 310 -4.57 -1.69 15.58
C ILE B 310 -3.55 -0.73 14.99
N ASN B 311 -3.96 0.52 14.75
CA ASN B 311 -3.03 1.54 14.23
C ASN B 311 -1.86 1.82 15.23
N ARG B 312 -2.18 1.91 16.51
CA ARG B 312 -1.14 2.13 17.52
C ARG B 312 -0.15 0.97 17.52
N ILE B 313 -0.64 -0.24 17.28
CA ILE B 313 0.27 -1.39 17.26
C ILE B 313 1.16 -1.34 15.99
N THR B 314 0.56 -1.08 14.85
CA THR B 314 1.31 -1.19 13.58
C THR B 314 2.20 0.02 13.34
N ALA B 315 1.77 1.20 13.83
CA ALA B 315 2.58 2.41 13.69
C ALA B 315 3.85 2.33 14.54
N THR B 316 3.77 1.67 15.69
CA THR B 316 4.96 1.50 16.55
C THR B 316 5.85 0.26 16.29
N ALA B 317 5.52 -0.49 15.24
CA ALA B 317 6.28 -1.71 14.90
C ALA B 317 7.63 -1.40 14.26
N ARG B 318 8.57 -2.34 14.34
CA ARG B 318 9.88 -2.18 13.74
C ARG B 318 9.75 -2.43 12.22
N HIS B 319 9.56 -1.37 11.45
CA HIS B 319 9.24 -1.52 10.02
C HIS B 319 10.34 -2.12 9.22
N PRO B 320 10.01 -3.12 8.37
CA PRO B 320 11.01 -3.70 7.47
C PRO B 320 11.42 -2.66 6.42
N GLY B 321 12.50 -2.94 5.70
CA GLY B 321 12.90 -2.13 4.56
C GLY B 321 11.75 -2.10 3.57
N GLY B 322 11.37 -0.90 3.13
CA GLY B 322 10.19 -0.75 2.29
C GLY B 322 9.03 -0.20 3.09
N GLY B 323 9.17 -0.16 4.42
CA GLY B 323 8.11 0.32 5.30
C GLY B 323 7.10 -0.76 5.66
N VAL B 324 6.73 -1.58 4.69
CA VAL B 324 5.74 -2.64 4.90
C VAL B 324 6.13 -3.76 3.94
N ASP B 325 5.86 -5.02 4.29
CA ASP B 325 6.08 -6.13 3.36
C ASP B 325 5.09 -7.31 3.56
N ASN B 326 5.15 -8.30 2.69
CA ASN B 326 4.17 -9.40 2.72
C ASN B 326 4.43 -10.47 3.76
N TYR B 327 5.61 -10.44 4.37
CA TYR B 327 6.03 -11.43 5.37
C TYR B 327 5.76 -10.92 6.79
N VAL B 328 6.17 -9.67 7.07
CA VAL B 328 6.01 -9.07 8.41
C VAL B 328 5.01 -7.92 8.48
N GLY B 329 4.46 -7.50 7.34
CA GLY B 329 3.54 -6.39 7.32
C GLY B 329 4.26 -5.12 7.75
N ALA B 330 3.74 -4.46 8.80
CA ALA B 330 4.39 -3.26 9.35
C ALA B 330 5.59 -3.63 10.20
N GLY B 331 5.81 -4.94 10.40
CA GLY B 331 7.03 -5.39 11.08
C GLY B 331 6.80 -5.99 12.45
N VAL B 332 7.89 -6.31 13.13
CA VAL B 332 7.78 -6.93 14.45
C VAL B 332 7.20 -5.92 15.44
N ILE B 333 6.23 -6.36 16.22
CA ILE B 333 5.66 -5.48 17.23
C ILE B 333 6.69 -5.04 18.25
N ASP B 334 6.48 -3.82 18.75
CA ASP B 334 7.30 -3.23 19.79
C ASP B 334 6.40 -2.85 20.97
N PRO B 335 6.12 -3.81 21.89
CA PRO B 335 5.22 -3.51 23.02
C PRO B 335 5.51 -2.21 23.77
N VAL B 336 6.79 -1.92 24.05
CA VAL B 336 7.15 -0.72 24.80
C VAL B 336 6.76 0.58 24.10
N ALA B 337 7.13 0.68 22.83
CA ALA B 337 6.79 1.85 22.00
C ALA B 337 5.28 1.96 21.87
N ALA B 338 4.61 0.82 21.67
CA ALA B 338 3.15 0.77 21.56
C ALA B 338 2.47 1.38 22.77
N LEU B 339 3.12 1.28 23.93
CA LEU B 339 2.48 1.64 25.18
C LEU B 339 2.88 3.05 25.61
N THR B 340 3.88 3.63 24.94
CA THR B 340 4.44 4.88 25.42
C THR B 340 4.46 5.99 24.39
N TRP B 341 4.52 5.65 23.10
CA TRP B 341 4.62 6.68 22.06
C TRP B 341 3.40 7.53 21.94
N GLU B 342 3.62 8.84 21.82
CA GLU B 342 2.54 9.75 21.46
C GLU B 342 2.30 9.64 19.96
N ILE B 343 1.07 9.34 19.57
CA ILE B 343 0.73 9.33 18.15
C ILE B 343 -0.27 10.45 17.88
N PRO B 344 0.19 11.55 17.24
CA PRO B 344 -0.74 12.66 16.95
C PRO B 344 -1.77 12.20 15.92
N ASP B 345 -3.05 12.45 16.18
CA ASP B 345 -4.06 12.14 15.16
C ASP B 345 -4.27 13.32 14.23
N GLU C 4 0.58 14.18 -41.48
CA GLU C 4 0.48 15.17 -40.35
C GLU C 4 -0.86 15.90 -40.23
N VAL C 5 -1.42 15.87 -39.02
CA VAL C 5 -2.71 16.51 -38.70
C VAL C 5 -2.65 18.03 -38.94
N PRO C 6 -3.80 18.69 -39.11
CA PRO C 6 -3.74 20.17 -39.22
C PRO C 6 -3.29 20.84 -37.90
N PRO C 7 -2.61 22.00 -37.99
CA PRO C 7 -2.15 22.68 -36.78
C PRO C 7 -3.27 22.97 -35.74
N PRO C 8 -2.89 23.12 -34.45
CA PRO C 8 -3.89 23.57 -33.47
C PRO C 8 -4.26 25.03 -33.76
N VAL C 9 -5.41 25.45 -33.29
CA VAL C 9 -5.91 26.78 -33.63
C VAL C 9 -6.41 27.48 -32.37
N TYR C 10 -6.71 28.76 -32.51
CA TYR C 10 -7.26 29.53 -31.43
C TYR C 10 -8.70 29.99 -31.74
N ILE C 11 -9.64 29.62 -30.88
CA ILE C 11 -11.06 30.00 -30.99
C ILE C 11 -11.33 31.12 -30.00
N PRO C 12 -11.54 32.34 -30.48
CA PRO C 12 -11.77 33.49 -29.59
C PRO C 12 -13.01 33.32 -28.74
N PRO C 13 -12.96 33.77 -27.48
CA PRO C 13 -14.13 33.67 -26.60
C PRO C 13 -15.18 34.71 -26.93
N ARG D 1 -12.34 -44.06 22.27
CA ARG D 1 -12.97 -43.05 23.15
C ARG D 1 -12.43 -41.64 22.82
N VAL D 2 -11.45 -41.18 23.62
CA VAL D 2 -10.90 -39.83 23.49
C VAL D 2 -9.56 -39.85 22.74
N LYS D 3 -9.57 -39.39 21.49
CA LYS D 3 -8.33 -39.24 20.68
C LYS D 3 -7.73 -37.85 20.88
N GLU D 4 -6.41 -37.81 21.02
CA GLU D 4 -5.72 -36.55 21.17
C GLU D 4 -4.25 -36.74 20.95
N VAL D 5 -3.57 -35.66 20.58
CA VAL D 5 -2.12 -35.68 20.34
C VAL D 5 -1.39 -35.79 21.68
N PRO D 6 -0.07 -36.13 21.66
CA PRO D 6 0.73 -36.16 22.90
C PRO D 6 0.77 -34.78 23.60
N PRO D 7 0.89 -34.76 24.95
CA PRO D 7 0.99 -33.49 25.65
C PRO D 7 2.31 -32.80 25.38
N PRO D 8 2.30 -31.46 25.38
CA PRO D 8 3.55 -30.70 25.25
C PRO D 8 4.52 -31.00 26.42
N VAL D 9 5.82 -30.88 26.18
CA VAL D 9 6.83 -31.21 27.19
C VAL D 9 7.96 -30.18 27.23
N TYR D 10 8.72 -30.19 28.32
CA TYR D 10 9.93 -29.38 28.43
C TYR D 10 11.16 -30.25 28.22
N ILE D 11 11.96 -29.86 27.25
CA ILE D 11 13.20 -30.55 26.93
C ILE D 11 14.37 -29.59 27.20
N PRO D 12 15.21 -29.93 28.19
CA PRO D 12 16.16 -28.96 28.74
C PRO D 12 17.24 -28.58 27.75
N PRO D 13 17.48 -27.28 27.55
CA PRO D 13 18.64 -26.80 26.79
C PRO D 13 19.94 -27.06 27.54
#